data_4JBT
#
_entry.id   4JBT
#
_cell.length_a   102.800
_cell.length_b   102.800
_cell.length_c   217.520
_cell.angle_alpha   90.000
_cell.angle_beta   90.000
_cell.angle_gamma   120.000
#
_symmetry.space_group_name_H-M   'H 3'
#
loop_
_entity.id
_entity.type
_entity.pdbx_description
1 polymer 'Cytochrome P450 monooxygenase'
2 non-polymer 4-ANDROSTENE-3-17-DIONE
3 non-polymer 'PROTOPORPHYRIN IX CONTAINING FE'
4 non-polymer 'MAGNESIUM ION'
5 non-polymer 'FORMIC ACID'
6 non-polymer 'POTASSIUM ION'
7 water water
#
_entity_poly.entity_id   1
_entity_poly.type   'polypeptide(L)'
_entity_poly.pdbx_seq_one_letter_code
;MNACPHSDTLTIDPMITDLAGETSRLRAAGPLTRIDLLGVPALAVTGHTLARQLLTDTRLVKDINAWSLWQSGTVTRQWP
LIGMIDVDRSMFTVDGPEHRRLRIKTTQALTRRRLDALKPTIERYVAELLDDLERAGADGAVVDLKSVFAYPLPMRVISA
LMGVPSEDQEQLLTWYKAFFSILTPQDERLRVIDEMHGYFTEMVRRKTAEPGDDLTSALIYATDGETPLTEEEVIGNLQA
LVAAGHETTVSLILTAVRALLSHPEQLRLVRDGEIGWETAIEETLRWDGPVIHLLMRFATEDIDLGDAVIPRGEGVVMSY
RAIGRDITVHGADADDFDITRATAARHISFGHGPHICPGAALARLEAAIALPALFTRFPHLHPALPLDQIPNLPVLTQND
LSHFPIHLGR
;
_entity_poly.pdbx_strand_id   A,B
#
# COMPACT_ATOMS: atom_id res chain seq x y z
N CYS A 4 -6.55 -3.16 -2.40
CA CYS A 4 -5.16 -3.61 -2.11
C CYS A 4 -4.94 -3.78 -0.61
N PRO A 5 -3.85 -4.45 -0.24
CA PRO A 5 -3.71 -4.98 1.12
C PRO A 5 -3.99 -3.98 2.24
N HIS A 6 -4.50 -4.50 3.34
CA HIS A 6 -4.76 -3.72 4.54
C HIS A 6 -3.45 -3.17 5.06
N SER A 7 -3.37 -1.85 5.19
CA SER A 7 -2.24 -1.22 5.84
C SER A 7 -2.75 -0.41 7.02
N ASP A 8 -2.00 -0.34 8.11
CA ASP A 8 -2.45 0.46 9.24
C ASP A 8 -1.79 1.86 9.23
N THR A 9 -1.05 2.16 8.16
CA THR A 9 -0.66 3.53 7.85
C THR A 9 -1.18 3.91 6.45
N LEU A 10 -1.91 5.01 6.37
CA LEU A 10 -2.52 5.42 5.13
C LEU A 10 -1.62 6.40 4.40
N THR A 11 -1.08 5.96 3.27
CA THR A 11 -0.17 6.76 2.48
C THR A 11 -0.95 7.73 1.58
N ILE A 12 -0.69 9.02 1.72
CA ILE A 12 -1.35 10.00 0.86
C ILE A 12 -0.65 10.01 -0.51
N ASP A 13 -1.39 9.62 -1.54
CA ASP A 13 -0.82 9.50 -2.86
C ASP A 13 -0.61 10.91 -3.41
N PRO A 14 0.65 11.23 -3.73
CA PRO A 14 0.96 12.57 -4.24
C PRO A 14 0.48 12.81 -5.68
N MET A 15 0.17 11.76 -6.42
CA MET A 15 -0.33 11.94 -7.76
C MET A 15 -1.85 12.15 -7.76
N ILE A 16 -2.43 12.07 -6.57
CA ILE A 16 -3.86 12.24 -6.42
C ILE A 16 -4.59 11.32 -7.39
N THR A 17 -4.16 10.06 -7.41
CA THR A 17 -4.76 9.06 -8.26
C THR A 17 -6.21 8.73 -7.87
N ASP A 18 -6.50 8.76 -6.57
CA ASP A 18 -7.78 8.29 -6.05
C ASP A 18 -8.24 9.12 -4.87
N LEU A 19 -8.62 10.37 -5.12
CA LEU A 19 -8.93 11.28 -4.02
C LEU A 19 -10.16 10.83 -3.24
N ALA A 20 -11.19 10.44 -4.00
CA ALA A 20 -12.42 9.91 -3.42
C ALA A 20 -12.17 8.71 -2.52
N GLY A 21 -11.46 7.71 -3.05
CA GLY A 21 -11.12 6.52 -2.28
C GLY A 21 -10.29 6.86 -1.05
N GLU A 22 -9.30 7.73 -1.24
CA GLU A 22 -8.42 8.09 -0.14
C GLU A 22 -9.22 8.85 0.92
N THR A 23 -10.13 9.70 0.48
CA THR A 23 -10.97 10.46 1.39
C THR A 23 -11.92 9.56 2.17
N SER A 24 -12.50 8.56 1.49
CA SER A 24 -13.35 7.59 2.17
C SER A 24 -12.53 6.77 3.16
N ARG A 25 -11.39 6.25 2.70
CA ARG A 25 -10.48 5.45 3.52
C ARG A 25 -10.15 6.17 4.82
N LEU A 26 -9.94 7.49 4.73
CA LEU A 26 -9.58 8.32 5.87
C LEU A 26 -10.74 8.46 6.85
N ARG A 27 -11.94 8.73 6.32
CA ARG A 27 -13.10 8.88 7.19
C ARG A 27 -13.30 7.59 7.95
N ALA A 28 -13.17 6.49 7.23
CA ALA A 28 -13.44 5.19 7.82
C ALA A 28 -12.34 4.80 8.81
N ALA A 29 -11.14 5.33 8.63
CA ALA A 29 -10.02 4.99 9.51
C ALA A 29 -9.94 5.79 10.82
N GLY A 30 -10.90 6.68 11.04
CA GLY A 30 -10.81 7.77 11.96
C GLY A 30 -11.82 7.79 13.07
N PRO A 31 -11.92 8.87 13.97
CA PRO A 31 -11.41 10.15 13.49
C PRO A 31 -9.98 10.61 13.69
N LEU A 32 -9.08 9.77 14.15
CA LEU A 32 -7.70 10.08 14.21
C LEU A 32 -6.95 8.90 13.70
N THR A 33 -6.09 9.08 12.72
CA THR A 33 -5.39 7.98 12.15
C THR A 33 -4.03 8.29 11.65
N ARG A 34 -3.21 7.27 11.50
CA ARG A 34 -1.82 7.43 11.11
C ARG A 34 -1.68 7.58 9.60
N ILE A 35 -0.98 8.62 9.18
CA ILE A 35 -0.71 8.81 7.75
C ILE A 35 0.76 8.93 7.46
N ASP A 36 1.10 8.76 6.18
CA ASP A 36 2.45 8.87 5.70
C ASP A 36 2.49 9.90 4.58
N LEU A 37 3.35 10.92 4.75
CA LEU A 37 3.49 12.03 3.81
C LEU A 37 4.88 11.96 3.15
N LEU A 38 4.96 11.30 2.00
CA LEU A 38 6.23 11.08 1.32
C LEU A 38 7.35 10.56 2.25
N GLY A 39 7.07 9.53 3.03
CA GLY A 39 8.05 8.95 3.92
C GLY A 39 8.09 9.51 5.33
N VAL A 40 7.21 10.47 5.60
CA VAL A 40 7.17 11.11 6.91
C VAL A 40 5.84 10.84 7.57
N PRO A 41 5.86 10.32 8.80
CA PRO A 41 4.65 9.94 9.51
C PRO A 41 4.00 11.12 10.23
N ALA A 42 2.68 11.10 10.32
CA ALA A 42 1.93 12.07 11.11
C ALA A 42 0.54 11.53 11.39
N LEU A 43 -0.15 12.17 12.33
CA LEU A 43 -1.54 11.83 12.60
C LEU A 43 -2.38 12.75 11.76
N ALA A 44 -3.54 12.27 11.35
CA ALA A 44 -4.49 13.06 10.62
C ALA A 44 -5.82 13.09 11.36
N VAL A 45 -6.38 14.28 11.52
CA VAL A 45 -7.68 14.40 12.11
C VAL A 45 -8.70 14.42 10.99
N THR A 46 -9.55 13.40 10.96
CA THR A 46 -10.53 13.25 9.90
C THR A 46 -11.96 13.41 10.40
N GLY A 47 -12.12 13.63 11.71
CA GLY A 47 -13.44 13.78 12.30
C GLY A 47 -13.79 15.22 12.62
N HIS A 48 -15.03 15.60 12.36
CA HIS A 48 -15.47 16.98 12.55
C HIS A 48 -15.34 17.44 13.99
N THR A 49 -15.90 16.68 14.91
CA THR A 49 -15.96 17.06 16.31
C THR A 49 -14.57 17.11 16.95
N LEU A 50 -13.76 16.12 16.62
CA LEU A 50 -12.41 16.02 17.17
C LEU A 50 -11.52 17.12 16.61
N ALA A 51 -11.72 17.48 15.34
CA ALA A 51 -11.03 18.62 14.78
C ALA A 51 -11.38 19.93 15.50
N ARG A 52 -12.67 20.19 15.70
CA ARG A 52 -13.10 21.37 16.42
C ARG A 52 -12.40 21.51 17.76
N GLN A 53 -12.40 20.42 18.53
CA GLN A 53 -11.76 20.36 19.84
C GLN A 53 -10.25 20.59 19.74
N LEU A 54 -9.60 19.98 18.76
CA LEU A 54 -8.13 20.06 18.65
C LEU A 54 -7.64 21.37 18.07
N LEU A 55 -8.47 22.01 17.25
CA LEU A 55 -8.15 23.33 16.72
C LEU A 55 -8.24 24.41 17.82
N THR A 56 -8.75 24.05 19.01
CA THR A 56 -8.80 25.00 20.13
C THR A 56 -7.90 24.52 21.30
N ASP A 57 -7.23 23.40 21.09
CA ASP A 57 -6.33 22.87 22.10
C ASP A 57 -4.97 23.58 22.07
N THR A 58 -4.60 24.18 23.19
CA THR A 58 -3.40 25.02 23.28
C THR A 58 -2.12 24.20 23.34
N ARG A 59 -2.26 22.87 23.37
CA ARG A 59 -1.10 21.99 23.38
C ARG A 59 -0.68 21.58 21.96
N LEU A 60 -1.39 22.11 20.97
CA LEU A 60 -1.08 21.87 19.55
C LEU A 60 -0.67 23.19 18.94
N VAL A 61 0.53 23.24 18.38
CA VAL A 61 1.09 24.50 17.91
C VAL A 61 1.71 24.35 16.53
N LYS A 62 1.91 25.50 15.89
CA LYS A 62 2.36 25.53 14.50
C LYS A 62 3.87 25.51 14.44
N ASP A 63 4.49 26.04 15.49
CA ASP A 63 5.93 26.16 15.58
C ASP A 63 6.62 24.84 15.27
N ILE A 64 7.34 24.86 14.15
CA ILE A 64 7.98 23.64 13.64
C ILE A 64 9.01 23.09 14.62
N ASN A 65 9.56 23.95 15.46
CA ASN A 65 10.53 23.52 16.47
C ASN A 65 9.96 22.60 17.56
N ALA A 66 8.63 22.42 17.59
CA ALA A 66 7.96 21.49 18.50
C ALA A 66 7.82 20.10 17.88
N TRP A 67 8.23 19.97 16.64
CA TRP A 67 8.18 18.69 15.94
C TRP A 67 9.42 17.86 16.26
N SER A 68 9.22 16.76 16.98
CA SER A 68 10.35 15.90 17.35
C SER A 68 11.17 15.52 16.14
N LEU A 69 10.51 15.35 15.00
CA LEU A 69 11.19 14.91 13.79
C LEU A 69 12.10 16.03 13.27
N TRP A 70 11.70 17.26 13.56
CA TRP A 70 12.50 18.42 13.20
C TRP A 70 13.68 18.53 14.16
N GLN A 71 13.40 18.33 15.44
CA GLN A 71 14.41 18.39 16.49
C GLN A 71 15.52 17.38 16.29
N SER A 72 15.17 16.19 15.83
CA SER A 72 16.14 15.11 15.62
C SER A 72 16.84 15.27 14.29
N GLY A 73 16.32 16.15 13.43
CA GLY A 73 16.91 16.35 12.11
C GLY A 73 16.54 15.20 11.18
N THR A 74 15.40 14.56 11.46
CA THR A 74 14.95 13.45 10.64
C THR A 74 14.25 14.02 9.43
N VAL A 75 13.61 15.16 9.62
CA VAL A 75 13.04 15.92 8.52
C VAL A 75 13.91 17.15 8.29
N THR A 76 14.15 17.45 7.01
CA THR A 76 14.97 18.58 6.63
C THR A 76 14.28 19.34 5.50
N ARG A 77 14.96 20.34 4.92
CA ARG A 77 14.41 21.11 3.80
C ARG A 77 14.38 20.29 2.49
N GLN A 78 14.87 19.06 2.53
CA GLN A 78 14.80 18.20 1.35
C GLN A 78 13.41 17.58 1.20
N TRP A 79 12.71 17.45 2.31
CA TRP A 79 11.31 16.99 2.28
C TRP A 79 10.50 17.86 1.32
N PRO A 80 9.89 17.25 0.29
CA PRO A 80 9.17 18.08 -0.67
C PRO A 80 7.99 18.87 -0.12
N LEU A 81 7.58 18.60 1.12
CA LEU A 81 6.43 19.28 1.70
C LEU A 81 6.82 20.38 2.67
N ILE A 82 8.11 20.65 2.76
CA ILE A 82 8.62 21.43 3.86
C ILE A 82 8.21 22.90 3.74
N GLY A 83 7.98 23.35 2.53
CA GLY A 83 7.64 24.75 2.33
C GLY A 83 6.25 25.08 2.82
N MET A 84 5.48 24.05 3.14
CA MET A 84 4.13 24.26 3.60
C MET A 84 4.12 24.63 5.08
N ILE A 85 5.25 24.45 5.77
CA ILE A 85 5.31 24.75 7.19
C ILE A 85 6.50 25.54 7.66
N ASP A 86 7.70 25.20 7.17
CA ASP A 86 8.91 25.91 7.58
C ASP A 86 9.04 27.23 6.83
N VAL A 87 8.23 28.18 7.30
CA VAL A 87 8.14 29.50 6.70
C VAL A 87 8.37 30.51 7.80
N ASP A 88 8.45 31.78 7.43
CA ASP A 88 8.78 32.81 8.39
C ASP A 88 7.66 33.18 9.38
N ARG A 89 8.04 33.89 10.44
CA ARG A 89 7.11 34.24 11.50
C ARG A 89 5.92 35.00 10.93
N SER A 90 4.70 34.52 11.18
CA SER A 90 3.50 35.20 10.72
C SER A 90 2.32 34.71 11.53
N MET A 91 1.11 35.22 11.25
CA MET A 91 -0.09 34.71 11.92
C MET A 91 -0.17 33.20 11.76
N PHE A 92 0.51 32.69 10.73
CA PHE A 92 0.44 31.28 10.39
C PHE A 92 1.25 30.42 11.35
N THR A 93 2.37 30.94 11.85
CA THR A 93 3.30 30.09 12.58
C THR A 93 3.31 30.35 14.08
N VAL A 94 2.47 31.30 14.51
CA VAL A 94 2.47 31.72 15.91
C VAL A 94 1.26 31.18 16.63
N ASP A 95 1.40 30.96 17.93
CA ASP A 95 0.27 30.63 18.79
C ASP A 95 0.31 31.47 20.06
N GLY A 96 -0.86 31.65 20.68
CA GLY A 96 -0.97 32.33 21.96
C GLY A 96 -1.29 33.81 21.86
N PRO A 97 -0.96 34.56 22.91
CA PRO A 97 -1.19 36.00 23.02
C PRO A 97 -0.53 36.81 21.92
N GLU A 98 0.60 36.32 21.41
CA GLU A 98 1.30 37.02 20.31
C GLU A 98 0.54 36.88 19.00
N HIS A 99 -0.30 35.86 18.92
CA HIS A 99 -0.99 35.58 17.68
C HIS A 99 -1.94 36.71 17.26
N ARG A 100 -2.77 37.17 18.19
CA ARG A 100 -3.73 38.25 17.89
C ARG A 100 -3.08 39.50 17.26
N ARG A 101 -1.95 39.92 17.80
CA ARG A 101 -1.21 41.06 17.27
C ARG A 101 -0.97 40.85 15.77
N LEU A 102 -0.59 39.62 15.41
CA LEU A 102 -0.27 39.32 14.01
C LEU A 102 -1.49 39.18 13.08
N ARG A 103 -2.68 39.15 13.67
CA ARG A 103 -3.91 38.99 12.90
C ARG A 103 -4.76 40.24 12.78
N ILE A 104 -4.64 41.16 13.74
CA ILE A 104 -5.67 42.16 13.93
C ILE A 104 -5.88 43.07 12.70
N LYS A 105 -4.81 43.66 12.17
CA LYS A 105 -4.99 44.58 11.05
C LYS A 105 -5.58 43.87 9.83
N THR A 106 -5.35 42.57 9.71
CA THR A 106 -5.87 41.79 8.59
C THR A 106 -7.36 41.47 8.75
N THR A 107 -7.75 40.98 9.91
CA THR A 107 -9.16 40.73 10.18
C THR A 107 -9.97 42.01 10.01
N GLN A 108 -9.44 43.13 10.49
CA GLN A 108 -10.15 44.41 10.39
C GLN A 108 -10.27 44.83 8.93
N ALA A 109 -9.22 44.61 8.16
CA ALA A 109 -9.24 44.98 6.75
C ALA A 109 -10.17 44.08 5.93
N LEU A 110 -10.57 42.94 6.49
CA LEU A 110 -11.29 41.92 5.72
C LEU A 110 -12.66 41.60 6.28
N THR A 111 -13.15 42.49 7.13
CA THR A 111 -14.54 42.43 7.54
C THR A 111 -15.44 42.74 6.35
N ARG A 112 -16.67 42.24 6.41
CA ARG A 112 -17.60 42.37 5.29
C ARG A 112 -17.79 43.82 4.79
N ARG A 113 -17.88 44.78 5.70
CA ARG A 113 -18.10 46.17 5.29
C ARG A 113 -16.85 46.87 4.78
N ARG A 114 -15.71 46.55 5.38
CA ARG A 114 -14.47 47.03 4.81
C ARG A 114 -14.31 46.48 3.38
N LEU A 115 -14.81 45.27 3.12
CA LEU A 115 -14.77 44.68 1.79
C LEU A 115 -15.74 45.31 0.80
N ASP A 116 -16.74 46.04 1.28
CA ASP A 116 -17.66 46.72 0.36
C ASP A 116 -16.89 47.58 -0.63
N ALA A 117 -15.83 48.22 -0.17
CA ALA A 117 -15.09 49.17 -0.99
C ALA A 117 -14.25 48.44 -2.05
N LEU A 118 -13.93 47.17 -1.80
CA LEU A 118 -13.20 46.36 -2.76
C LEU A 118 -14.14 45.78 -3.81
N LYS A 119 -15.44 45.74 -3.52
CA LYS A 119 -16.43 45.15 -4.43
C LYS A 119 -16.35 45.64 -5.89
N PRO A 120 -16.47 46.98 -6.12
CA PRO A 120 -16.37 47.46 -7.49
C PRO A 120 -15.17 46.87 -8.25
N THR A 121 -14.03 46.78 -7.58
CA THR A 121 -12.83 46.20 -8.15
C THR A 121 -12.98 44.75 -8.59
N ILE A 122 -13.57 43.95 -7.73
CA ILE A 122 -13.81 42.54 -8.02
C ILE A 122 -14.71 42.44 -9.24
N GLU A 123 -15.77 43.22 -9.22
CA GLU A 123 -16.70 43.32 -10.33
C GLU A 123 -15.96 43.60 -11.63
N ARG A 124 -15.09 44.59 -11.63
CA ARG A 124 -14.39 44.97 -12.85
C ARG A 124 -13.58 43.80 -13.40
N TYR A 125 -12.93 43.08 -12.51
CA TYR A 125 -12.06 41.97 -12.90
C TYR A 125 -12.87 40.79 -13.37
N VAL A 126 -14.04 40.60 -12.79
CA VAL A 126 -14.87 39.50 -13.22
C VAL A 126 -15.35 39.79 -14.62
N ALA A 127 -15.74 41.03 -14.86
CA ALA A 127 -16.24 41.45 -16.16
C ALA A 127 -15.14 41.35 -17.21
N GLU A 128 -13.92 41.76 -16.87
CA GLU A 128 -12.81 41.73 -17.81
C GLU A 128 -12.54 40.33 -18.29
N LEU A 129 -12.55 39.38 -17.35
CA LEU A 129 -12.24 38.01 -17.65
C LEU A 129 -13.40 37.24 -18.34
N LEU A 130 -14.64 37.66 -18.09
CA LEU A 130 -15.76 37.12 -18.85
C LEU A 130 -15.62 37.59 -20.30
N ASP A 131 -15.10 38.82 -20.49
CA ASP A 131 -14.84 39.33 -21.84
C ASP A 131 -13.75 38.44 -22.50
N ASP A 132 -12.74 38.05 -21.75
CA ASP A 132 -11.70 37.13 -22.25
C ASP A 132 -12.34 35.77 -22.62
N LEU A 133 -13.27 35.32 -21.79
CA LEU A 133 -13.99 34.08 -22.07
C LEU A 133 -14.73 34.18 -23.40
N GLU A 134 -15.49 35.26 -23.58
CA GLU A 134 -16.28 35.46 -24.79
C GLU A 134 -15.40 35.42 -26.03
N ARG A 135 -14.27 36.11 -25.97
CA ARG A 135 -13.33 36.16 -27.08
C ARG A 135 -12.78 34.77 -27.37
N ALA A 136 -12.41 34.07 -26.29
CA ALA A 136 -11.77 32.75 -26.38
C ALA A 136 -12.72 31.64 -26.84
N GLY A 137 -13.99 31.75 -26.47
CA GLY A 137 -14.98 30.75 -26.85
C GLY A 137 -15.68 31.03 -28.17
N ALA A 138 -15.20 32.03 -28.90
CA ALA A 138 -15.81 32.41 -30.15
C ALA A 138 -15.78 31.25 -31.13
N ASP A 139 -16.64 31.31 -32.14
CA ASP A 139 -16.80 30.26 -33.16
C ASP A 139 -16.88 28.85 -32.54
N GLY A 140 -17.53 28.74 -31.38
CA GLY A 140 -17.74 27.45 -30.70
C GLY A 140 -16.50 26.70 -30.23
N ALA A 141 -15.41 27.42 -29.95
CA ALA A 141 -14.15 26.77 -29.61
C ALA A 141 -14.15 26.31 -28.16
N VAL A 142 -13.35 25.30 -27.86
CA VAL A 142 -13.19 24.84 -26.49
C VAL A 142 -12.23 25.79 -25.74
N VAL A 143 -12.58 26.11 -24.50
CA VAL A 143 -11.89 27.11 -23.73
C VAL A 143 -11.55 26.53 -22.35
N ASP A 144 -10.38 26.83 -21.84
CA ASP A 144 -10.05 26.42 -20.47
C ASP A 144 -10.57 27.45 -19.47
N LEU A 145 -11.68 27.14 -18.81
CA LEU A 145 -12.24 28.04 -17.80
C LEU A 145 -11.26 28.45 -16.71
N LYS A 146 -10.32 27.57 -16.36
CA LYS A 146 -9.33 27.89 -15.34
C LYS A 146 -8.38 28.98 -15.80
N SER A 147 -7.61 28.69 -16.87
CA SER A 147 -6.60 29.61 -17.30
C SER A 147 -7.13 30.95 -17.73
N VAL A 148 -8.36 30.98 -18.27
CA VAL A 148 -8.92 32.25 -18.77
C VAL A 148 -9.66 33.02 -17.68
N PHE A 149 -10.25 32.31 -16.73
CA PHE A 149 -11.14 32.94 -15.79
C PHE A 149 -10.77 32.70 -14.35
N ALA A 150 -10.86 31.46 -13.88
CA ALA A 150 -10.80 31.18 -12.43
C ALA A 150 -9.41 31.37 -11.86
N TYR A 151 -8.40 31.04 -12.65
CA TYR A 151 -6.98 31.18 -12.25
C TYR A 151 -6.60 32.66 -12.11
N PRO A 152 -6.93 33.50 -13.09
CA PRO A 152 -6.36 34.84 -12.87
C PRO A 152 -7.18 35.69 -11.89
N LEU A 153 -8.49 35.46 -11.80
CA LEU A 153 -9.34 36.38 -11.02
C LEU A 153 -8.83 36.60 -9.60
N PRO A 154 -8.54 35.53 -8.85
CA PRO A 154 -8.21 35.73 -7.43
C PRO A 154 -6.86 36.37 -7.21
N MET A 155 -5.95 36.17 -8.16
CA MET A 155 -4.66 36.84 -8.11
C MET A 155 -4.88 38.34 -8.28
N ARG A 156 -5.61 38.76 -9.29
CA ARG A 156 -5.92 40.19 -9.45
C ARG A 156 -6.47 40.75 -8.16
N VAL A 157 -7.38 40.02 -7.52
CA VAL A 157 -8.08 40.57 -6.39
C VAL A 157 -7.14 40.72 -5.19
N ILE A 158 -6.41 39.66 -4.90
CA ILE A 158 -5.55 39.69 -3.73
C ILE A 158 -4.42 40.69 -3.98
N SER A 159 -3.98 40.79 -5.24
CA SER A 159 -2.97 41.77 -5.62
C SER A 159 -3.42 43.22 -5.38
N ALA A 160 -4.67 43.50 -5.73
CA ALA A 160 -5.21 44.84 -5.53
C ALA A 160 -5.26 45.15 -4.03
N LEU A 161 -5.69 44.18 -3.26
CA LEU A 161 -5.77 44.34 -1.83
C LEU A 161 -4.42 44.61 -1.18
N MET A 162 -3.40 43.86 -1.60
CA MET A 162 -2.11 43.88 -0.92
C MET A 162 -1.16 44.87 -1.56
N GLY A 163 -1.44 45.24 -2.81
CA GLY A 163 -0.63 46.22 -3.55
C GLY A 163 0.48 45.61 -4.39
N VAL A 164 0.23 44.42 -4.95
CA VAL A 164 1.16 43.81 -5.91
C VAL A 164 0.91 44.42 -7.30
N PRO A 165 1.95 45.05 -7.88
CA PRO A 165 1.78 45.66 -9.20
C PRO A 165 1.25 44.69 -10.25
N SER A 166 0.43 45.20 -11.15
CA SER A 166 -0.13 44.43 -12.22
C SER A 166 0.94 43.63 -12.96
N GLU A 167 2.08 44.25 -13.22
CA GLU A 167 3.06 43.63 -14.10
C GLU A 167 3.82 42.49 -13.44
N ASP A 168 3.70 42.34 -12.11
CA ASP A 168 4.42 41.28 -11.39
C ASP A 168 3.56 40.06 -11.14
N GLN A 169 2.30 40.11 -11.52
CA GLN A 169 1.35 39.08 -11.11
C GLN A 169 1.62 37.76 -11.81
N GLU A 170 2.04 37.83 -13.06
CA GLU A 170 2.33 36.63 -13.81
C GLU A 170 3.46 35.83 -13.17
N GLN A 171 4.51 36.52 -12.77
CA GLN A 171 5.67 35.83 -12.24
C GLN A 171 5.30 35.14 -10.93
N LEU A 172 4.42 35.77 -10.15
CA LEU A 172 3.95 35.15 -8.92
C LEU A 172 3.24 33.81 -9.22
N LEU A 173 2.35 33.84 -10.19
CA LEU A 173 1.66 32.63 -10.59
C LEU A 173 2.68 31.58 -11.01
N THR A 174 3.71 31.98 -11.75
CA THR A 174 4.70 31.01 -12.20
C THR A 174 5.38 30.39 -10.98
N TRP A 175 5.72 31.22 -10.00
CA TRP A 175 6.31 30.73 -8.78
C TRP A 175 5.38 29.79 -8.01
N TYR A 176 4.14 30.20 -7.80
CA TYR A 176 3.22 29.36 -7.07
C TYR A 176 3.06 28.00 -7.73
N LYS A 177 2.94 27.97 -9.04
CA LYS A 177 2.73 26.69 -9.73
C LYS A 177 3.89 25.73 -9.41
N ALA A 178 5.08 26.29 -9.42
CA ALA A 178 6.26 25.52 -9.11
C ALA A 178 6.24 25.09 -7.66
N PHE A 179 5.81 26.00 -6.81
CA PHE A 179 5.80 25.78 -5.38
C PHE A 179 4.92 24.60 -4.97
N PHE A 180 3.71 24.55 -5.54
CA PHE A 180 2.70 23.57 -5.15
C PHE A 180 2.86 22.20 -5.78
N SER A 181 3.43 22.13 -6.97
CA SER A 181 3.54 20.87 -7.66
C SER A 181 4.56 19.96 -7.03
N ILE A 182 4.14 18.73 -6.77
CA ILE A 182 5.01 17.73 -6.21
C ILE A 182 6.11 17.44 -7.20
N LEU A 183 5.84 17.67 -8.48
CA LEU A 183 6.78 17.33 -9.53
C LEU A 183 8.00 18.24 -9.58
N THR A 184 7.85 19.48 -9.12
CA THR A 184 9.00 20.39 -9.10
C THR A 184 10.17 19.74 -8.37
N PRO A 185 11.34 19.66 -9.02
CA PRO A 185 12.56 19.22 -8.29
C PRO A 185 12.82 20.03 -7.01
N GLN A 186 13.19 19.33 -5.93
CA GLN A 186 13.27 19.96 -4.63
C GLN A 186 14.24 21.13 -4.57
N ASP A 187 15.38 21.00 -5.23
CA ASP A 187 16.34 22.09 -5.25
C ASP A 187 15.74 23.31 -5.94
N GLU A 188 15.01 23.09 -7.03
CA GLU A 188 14.36 24.18 -7.71
C GLU A 188 13.20 24.79 -6.89
N ARG A 189 12.54 23.96 -6.10
CA ARG A 189 11.46 24.47 -5.25
C ARG A 189 12.01 25.41 -4.17
N LEU A 190 13.12 25.02 -3.58
CA LEU A 190 13.76 25.84 -2.56
C LEU A 190 14.27 27.15 -3.13
N ARG A 191 14.78 27.10 -4.35
CA ARG A 191 15.20 28.30 -5.06
C ARG A 191 13.99 29.20 -5.34
N VAL A 192 12.89 28.62 -5.82
CA VAL A 192 11.62 29.38 -5.98
C VAL A 192 11.14 30.01 -4.67
N ILE A 193 11.24 29.29 -3.57
CA ILE A 193 10.87 29.82 -2.23
C ILE A 193 11.75 31.02 -1.81
N ASP A 194 13.05 30.95 -2.10
CA ASP A 194 13.97 32.07 -1.84
C ASP A 194 13.62 33.25 -2.75
N GLU A 195 13.31 32.95 -4.00
CA GLU A 195 12.96 34.00 -4.93
C GLU A 195 11.65 34.67 -4.52
N MET A 196 10.65 33.90 -4.14
CA MET A 196 9.42 34.51 -3.63
C MET A 196 9.71 35.37 -2.42
N HIS A 197 10.61 34.92 -1.56
CA HIS A 197 10.92 35.68 -0.35
C HIS A 197 11.59 37.00 -0.68
N GLY A 198 12.55 36.95 -1.61
CA GLY A 198 13.21 38.14 -2.09
C GLY A 198 12.26 39.14 -2.70
N TYR A 199 11.33 38.66 -3.53
CA TYR A 199 10.31 39.53 -4.10
C TYR A 199 9.56 40.29 -3.01
N PHE A 200 9.00 39.56 -2.06
CA PHE A 200 8.08 40.14 -1.10
C PHE A 200 8.83 41.02 -0.12
N THR A 201 10.13 40.80 -0.02
CA THR A 201 10.95 41.63 0.86
C THR A 201 11.08 42.99 0.22
N GLU A 202 11.34 42.97 -1.07
CA GLU A 202 11.46 44.20 -1.82
C GLU A 202 10.12 44.93 -1.89
N MET A 203 9.04 44.18 -2.02
CA MET A 203 7.71 44.80 -2.02
C MET A 203 7.48 45.56 -0.71
N VAL A 204 7.90 44.99 0.41
CA VAL A 204 7.72 45.67 1.69
C VAL A 204 8.57 46.94 1.78
N ARG A 205 9.77 46.88 1.21
CA ARG A 205 10.65 48.03 1.22
C ARG A 205 10.05 49.12 0.37
N ARG A 206 9.52 48.73 -0.78
CA ARG A 206 8.89 49.68 -1.68
C ARG A 206 7.70 50.35 -0.97
N LYS A 207 6.86 49.58 -0.31
CA LYS A 207 5.72 50.15 0.42
C LYS A 207 6.14 50.99 1.62
N THR A 208 7.28 50.65 2.21
CA THR A 208 7.80 51.42 3.31
C THR A 208 8.19 52.82 2.83
N ALA A 209 8.90 52.91 1.70
CA ALA A 209 9.29 54.19 1.14
C ALA A 209 8.09 54.96 0.62
N GLU A 210 7.08 54.23 0.16
CA GLU A 210 5.96 54.81 -0.51
C GLU A 210 4.68 54.03 -0.22
N PRO A 211 4.09 54.26 0.97
CA PRO A 211 2.87 53.57 1.36
C PRO A 211 1.68 53.99 0.53
N GLY A 212 0.74 53.07 0.30
CA GLY A 212 -0.51 53.37 -0.41
C GLY A 212 -1.78 52.94 0.33
N ASP A 213 -2.90 52.92 -0.37
CA ASP A 213 -4.14 52.47 0.24
C ASP A 213 -4.26 50.98 0.00
N ASP A 214 -3.45 50.23 0.72
CA ASP A 214 -3.42 48.79 0.58
C ASP A 214 -3.08 48.18 1.91
N LEU A 215 -3.32 46.88 2.02
CA LEU A 215 -3.21 46.21 3.29
C LEU A 215 -1.74 46.10 3.69
N THR A 216 -0.87 45.93 2.71
CA THR A 216 0.55 45.82 2.98
C THR A 216 1.00 47.09 3.68
N SER A 217 0.54 48.24 3.20
CA SER A 217 0.95 49.51 3.81
C SER A 217 0.42 49.62 5.28
N ALA A 218 -0.78 49.08 5.49
CA ALA A 218 -1.38 49.09 6.82
C ALA A 218 -0.63 48.15 7.78
N LEU A 219 -0.07 47.07 7.27
CA LEU A 219 0.74 46.15 8.10
C LEU A 219 2.02 46.86 8.57
N ILE A 220 2.55 47.67 7.67
CA ILE A 220 3.79 48.35 7.86
C ILE A 220 3.60 49.46 8.87
N TYR A 221 2.62 50.32 8.63
CA TYR A 221 2.39 51.45 9.49
C TYR A 221 1.06 51.26 10.22
N ALA A 222 1.11 50.75 11.41
CA ALA A 222 -0.10 50.40 12.12
C ALA A 222 -0.66 51.55 12.95
N THR A 223 -1.73 51.28 13.66
CA THR A 223 -2.66 52.26 14.14
C THR A 223 -2.10 53.61 14.50
N ASP A 224 -1.59 53.68 15.71
CA ASP A 224 -1.11 54.93 16.23
C ASP A 224 -0.04 54.67 17.22
N GLY A 225 -0.29 53.71 18.11
CA GLY A 225 0.62 53.27 19.14
C GLY A 225 0.25 51.83 19.18
N GLU A 226 1.18 50.91 19.35
CA GLU A 226 0.83 49.53 19.04
C GLU A 226 1.87 48.45 19.19
N THR A 227 3.15 48.78 19.07
CA THR A 227 4.30 47.90 18.84
C THR A 227 4.40 47.31 17.45
N PRO A 228 5.37 47.94 16.65
CA PRO A 228 5.28 47.58 15.24
C PRO A 228 5.58 46.17 14.89
N LEU A 229 4.96 45.67 13.86
CA LEU A 229 5.34 44.39 13.30
C LEU A 229 6.79 44.45 12.87
N THR A 230 7.51 43.37 12.95
CA THR A 230 8.87 43.33 12.43
C THR A 230 8.84 43.13 10.93
N GLU A 231 9.98 43.32 10.29
CA GLU A 231 10.07 43.12 8.85
C GLU A 231 9.66 41.68 8.51
N GLU A 232 10.14 40.73 9.29
CA GLU A 232 9.82 39.32 9.04
C GLU A 232 8.33 39.05 9.16
N GLU A 233 7.71 39.64 10.16
CA GLU A 233 6.27 39.51 10.38
C GLU A 233 5.46 40.11 9.21
N VAL A 234 5.79 41.34 8.82
CA VAL A 234 5.07 41.96 7.70
C VAL A 234 5.19 41.05 6.47
N ILE A 235 6.42 40.65 6.13
CA ILE A 235 6.65 39.77 5.00
C ILE A 235 5.95 38.44 5.16
N GLY A 236 5.97 37.87 6.35
CA GLY A 236 5.33 36.58 6.59
C GLY A 236 3.83 36.64 6.33
N ASN A 237 3.16 37.65 6.88
CA ASN A 237 1.72 37.85 6.63
C ASN A 237 1.44 38.09 5.15
N LEU A 238 2.20 38.98 4.53
CA LEU A 238 2.04 39.22 3.10
C LEU A 238 2.06 37.91 2.33
N GLN A 239 3.05 37.07 2.59
CA GLN A 239 3.19 35.82 1.84
C GLN A 239 2.00 34.91 2.05
N ALA A 240 1.59 34.77 3.31
CA ALA A 240 0.44 33.95 3.67
C ALA A 240 -0.82 34.45 2.98
N LEU A 241 -1.03 35.77 2.98
CA LEU A 241 -2.25 36.34 2.41
C LEU A 241 -2.33 36.14 0.90
N VAL A 242 -1.23 36.38 0.21
CA VAL A 242 -1.20 36.18 -1.24
C VAL A 242 -1.32 34.69 -1.58
N ALA A 243 -0.41 33.87 -1.08
CA ALA A 243 -0.44 32.45 -1.40
C ALA A 243 -1.83 31.85 -1.17
N ALA A 244 -2.38 32.07 0.03
CA ALA A 244 -3.70 31.53 0.39
C ALA A 244 -4.79 32.20 -0.44
N GLY A 245 -4.73 33.50 -0.48
CA GLY A 245 -5.77 34.29 -1.15
C GLY A 245 -5.93 33.88 -2.59
N HIS A 246 -4.83 33.52 -3.25
CA HIS A 246 -4.91 33.06 -4.61
C HIS A 246 -5.26 31.59 -4.74
N GLU A 247 -4.49 30.71 -4.12
CA GLU A 247 -4.59 29.27 -4.40
C GLU A 247 -5.96 28.67 -4.07
N THR A 248 -6.48 29.00 -2.89
CA THR A 248 -7.75 28.44 -2.45
C THR A 248 -8.88 28.92 -3.32
N THR A 249 -8.93 30.22 -3.59
CA THR A 249 -10.05 30.80 -4.32
C THR A 249 -10.21 30.22 -5.73
N VAL A 250 -9.08 29.95 -6.40
CA VAL A 250 -9.13 29.35 -7.72
C VAL A 250 -9.89 28.05 -7.69
N SER A 251 -9.63 27.24 -6.67
CA SER A 251 -10.31 25.95 -6.49
C SER A 251 -11.82 26.10 -6.24
N LEU A 252 -12.18 26.99 -5.32
CA LEU A 252 -13.59 27.18 -4.95
C LEU A 252 -14.43 27.52 -6.16
N ILE A 253 -13.89 28.39 -7.02
CA ILE A 253 -14.60 28.76 -8.23
C ILE A 253 -14.81 27.54 -9.14
N LEU A 254 -13.73 26.81 -9.39
CA LEU A 254 -13.77 25.71 -10.33
C LEU A 254 -14.68 24.57 -9.85
N THR A 255 -14.57 24.23 -8.57
CA THR A 255 -15.42 23.17 -8.00
C THR A 255 -16.90 23.58 -7.90
N ALA A 256 -17.16 24.85 -7.60
CA ALA A 256 -18.53 25.33 -7.56
C ALA A 256 -19.14 25.14 -8.93
N VAL A 257 -18.43 25.61 -9.95
CA VAL A 257 -18.91 25.42 -11.31
C VAL A 257 -19.07 23.92 -11.62
N ARG A 258 -18.05 23.12 -11.33
CA ARG A 258 -18.12 21.69 -11.69
C ARG A 258 -19.32 21.08 -11.03
N ALA A 259 -19.50 21.42 -9.75
CA ALA A 259 -20.60 20.88 -8.97
C ALA A 259 -21.93 21.25 -9.58
N LEU A 260 -22.07 22.50 -9.95
CA LEU A 260 -23.35 23.01 -10.40
C LEU A 260 -23.67 22.50 -11.78
N LEU A 261 -22.67 22.40 -12.65
CA LEU A 261 -22.86 21.79 -13.97
C LEU A 261 -23.17 20.29 -13.90
N SER A 262 -22.62 19.61 -12.92
CA SER A 262 -22.89 18.19 -12.82
C SER A 262 -24.21 17.92 -12.06
N HIS A 263 -24.82 18.97 -11.50
CA HIS A 263 -26.12 18.84 -10.81
C HIS A 263 -27.07 19.93 -11.31
N PRO A 264 -27.46 19.84 -12.58
CA PRO A 264 -28.17 20.94 -13.25
C PRO A 264 -29.42 21.45 -12.52
N GLU A 265 -30.20 20.54 -11.94
CA GLU A 265 -31.35 20.93 -11.12
C GLU A 265 -30.97 21.90 -10.00
N GLN A 266 -29.77 21.72 -9.45
CA GLN A 266 -29.30 22.59 -8.41
C GLN A 266 -28.85 23.93 -8.98
N LEU A 267 -28.13 23.91 -10.10
CA LEU A 267 -27.85 25.14 -10.84
C LEU A 267 -29.15 25.93 -11.05
N ARG A 268 -30.19 25.26 -11.48
CA ARG A 268 -31.47 25.93 -11.69
C ARG A 268 -32.00 26.57 -10.41
N LEU A 269 -31.89 25.87 -9.29
CA LEU A 269 -32.40 26.37 -8.02
C LEU A 269 -31.85 27.76 -7.75
N VAL A 270 -30.55 27.95 -7.95
CA VAL A 270 -29.91 29.23 -7.69
C VAL A 270 -30.14 30.24 -8.82
N ARG A 271 -30.23 29.77 -10.05
CA ARG A 271 -30.52 30.66 -11.17
C ARG A 271 -31.89 31.28 -10.94
N ASP A 272 -32.83 30.48 -10.43
CA ASP A 272 -34.20 30.94 -10.26
C ASP A 272 -34.49 31.54 -8.91
N GLY A 273 -33.44 31.78 -8.12
CA GLY A 273 -33.57 32.50 -6.87
C GLY A 273 -34.32 31.78 -5.76
N GLU A 274 -34.40 30.45 -5.85
CA GLU A 274 -35.03 29.63 -4.80
C GLU A 274 -34.03 29.27 -3.71
N ILE A 275 -32.77 29.13 -4.10
CA ILE A 275 -31.66 28.96 -3.15
C ILE A 275 -30.65 30.05 -3.48
N GLY A 276 -29.94 30.54 -2.47
CA GLY A 276 -28.94 31.59 -2.67
C GLY A 276 -27.63 31.04 -3.18
N TRP A 277 -27.02 31.75 -4.11
CA TRP A 277 -25.72 31.36 -4.62
C TRP A 277 -24.76 31.14 -3.45
N GLU A 278 -24.93 31.93 -2.39
CA GLU A 278 -24.09 31.82 -1.18
C GLU A 278 -24.19 30.44 -0.55
N THR A 279 -25.39 29.88 -0.55
CA THR A 279 -25.62 28.56 0.03
C THR A 279 -24.98 27.48 -0.84
N ALA A 280 -25.04 27.64 -2.16
CA ALA A 280 -24.38 26.72 -3.08
C ALA A 280 -22.88 26.77 -2.83
N ILE A 281 -22.40 27.96 -2.51
CA ILE A 281 -21.00 28.15 -2.19
C ILE A 281 -20.60 27.40 -0.92
N GLU A 282 -21.39 27.53 0.14
CA GLU A 282 -21.09 26.80 1.38
C GLU A 282 -21.02 25.29 1.15
N GLU A 283 -22.02 24.74 0.45
CA GLU A 283 -22.08 23.31 0.20
C GLU A 283 -20.85 22.83 -0.57
N THR A 284 -20.41 23.65 -1.51
CA THR A 284 -19.20 23.38 -2.29
C THR A 284 -17.99 23.32 -1.36
N LEU A 285 -17.94 24.20 -0.37
CA LEU A 285 -16.82 24.19 0.56
C LEU A 285 -16.83 22.90 1.37
N ARG A 286 -18.02 22.49 1.77
CA ARG A 286 -18.19 21.29 2.59
C ARG A 286 -17.80 20.06 1.77
N TRP A 287 -18.24 20.05 0.53
CA TRP A 287 -18.17 18.84 -0.26
C TRP A 287 -16.85 18.70 -1.01
N ASP A 288 -16.41 19.77 -1.66
CA ASP A 288 -15.32 19.66 -2.63
C ASP A 288 -14.47 20.93 -2.50
N GLY A 289 -13.97 21.13 -1.28
CA GLY A 289 -13.35 22.38 -0.88
C GLY A 289 -11.90 22.53 -1.25
N PRO A 290 -11.38 23.75 -1.09
CA PRO A 290 -10.04 24.10 -1.56
C PRO A 290 -8.89 23.37 -0.85
N VAL A 291 -9.09 22.97 0.39
CA VAL A 291 -8.02 22.36 1.16
C VAL A 291 -8.28 20.88 1.38
N ILE A 292 -7.25 20.08 1.11
CA ILE A 292 -7.36 18.68 1.31
C ILE A 292 -6.79 18.32 2.69
N HIS A 293 -5.55 18.73 2.93
CA HIS A 293 -4.87 18.48 4.21
C HIS A 293 -4.17 19.75 4.65
N LEU A 294 -4.26 20.08 5.93
CA LEU A 294 -3.64 21.28 6.42
C LEU A 294 -2.44 20.88 7.26
N LEU A 295 -1.24 21.12 6.72
CA LEU A 295 0.02 20.88 7.43
C LEU A 295 0.28 21.94 8.46
N MET A 296 1.26 21.60 9.28
CA MET A 296 1.08 20.88 10.54
C MET A 296 0.96 21.52 11.93
N ARG A 297 0.38 20.78 12.87
CA ARG A 297 0.43 21.12 14.28
C ARG A 297 1.26 20.12 15.09
N PHE A 298 1.79 20.57 16.23
CA PHE A 298 2.65 19.74 17.03
C PHE A 298 2.27 19.76 18.51
N ALA A 299 2.32 18.59 19.13
CA ALA A 299 2.00 18.45 20.55
C ALA A 299 3.18 18.94 21.41
N THR A 300 2.90 19.86 22.34
CA THR A 300 3.90 20.37 23.29
C THR A 300 4.03 19.42 24.49
N GLU A 301 3.01 18.58 24.67
CA GLU A 301 3.03 17.53 25.66
C GLU A 301 2.03 16.46 25.22
N ASP A 302 2.01 15.33 25.92
CA ASP A 302 1.09 14.23 25.61
C ASP A 302 -0.34 14.76 25.66
N ILE A 303 -1.15 14.44 24.66
CA ILE A 303 -2.55 14.83 24.69
C ILE A 303 -3.45 13.60 24.78
N ASP A 304 -3.99 13.37 25.97
CA ASP A 304 -4.90 12.25 26.22
C ASP A 304 -6.30 12.59 25.71
N LEU A 305 -6.85 11.73 24.88
CA LEU A 305 -8.13 11.97 24.30
C LEU A 305 -9.17 10.97 24.72
N GLY A 306 -8.84 10.17 25.70
CA GLY A 306 -9.71 9.13 26.12
C GLY A 306 -9.09 7.82 25.81
N ASP A 307 -9.41 7.26 24.67
CA ASP A 307 -8.92 5.95 24.31
C ASP A 307 -7.76 6.00 23.35
N ALA A 308 -7.07 7.09 23.35
CA ALA A 308 -6.01 7.38 22.40
C ALA A 308 -5.19 8.54 22.93
N VAL A 309 -3.92 8.60 22.53
CA VAL A 309 -3.01 9.63 23.01
C VAL A 309 -2.15 10.21 21.87
N ILE A 310 -2.12 11.53 21.75
CA ILE A 310 -1.17 12.18 20.86
C ILE A 310 0.07 12.47 21.66
N PRO A 311 1.18 11.76 21.34
CA PRO A 311 2.41 11.85 22.11
C PRO A 311 3.08 13.19 21.85
N ARG A 312 3.69 13.75 22.89
CA ARG A 312 4.47 14.98 22.71
C ARG A 312 5.41 14.88 21.50
N GLY A 313 5.39 15.90 20.63
CA GLY A 313 6.29 15.96 19.48
C GLY A 313 5.70 15.48 18.17
N GLU A 314 4.59 14.74 18.25
CA GLU A 314 3.94 14.19 17.06
C GLU A 314 3.36 15.28 16.21
N GLY A 315 3.32 15.03 14.90
CA GLY A 315 2.72 15.94 13.92
C GLY A 315 1.26 15.61 13.66
N VAL A 316 0.40 16.62 13.72
CA VAL A 316 -1.03 16.48 13.51
C VAL A 316 -1.47 17.29 12.29
N VAL A 317 -2.13 16.59 11.35
CA VAL A 317 -2.64 17.17 10.12
C VAL A 317 -4.16 17.25 10.23
N MET A 318 -4.72 18.35 9.73
CA MET A 318 -6.18 18.49 9.65
C MET A 318 -6.63 18.12 8.25
N SER A 319 -7.32 16.99 8.13
CA SER A 319 -7.74 16.49 6.85
C SER A 319 -9.12 17.05 6.56
N TYR A 320 -9.13 18.31 6.16
CA TYR A 320 -10.37 19.04 6.00
C TYR A 320 -11.37 18.43 5.01
N ARG A 321 -10.90 17.89 3.90
CA ARG A 321 -11.79 17.32 2.92
C ARG A 321 -12.52 16.12 3.56
N ALA A 322 -11.76 15.23 4.19
CA ALA A 322 -12.40 14.11 4.87
C ALA A 322 -13.40 14.62 5.93
N ILE A 323 -13.05 15.70 6.61
CA ILE A 323 -13.92 16.25 7.63
C ILE A 323 -15.26 16.72 7.05
N GLY A 324 -15.22 17.36 5.89
CA GLY A 324 -16.44 17.82 5.21
C GLY A 324 -17.40 16.70 4.85
N ARG A 325 -16.83 15.50 4.70
CA ARG A 325 -17.61 14.29 4.40
C ARG A 325 -18.02 13.54 5.67
N ASP A 326 -18.00 14.21 6.82
CA ASP A 326 -18.36 13.55 8.09
C ASP A 326 -19.84 13.16 8.13
N ILE A 327 -20.09 11.86 8.16
CA ILE A 327 -21.46 11.35 8.11
C ILE A 327 -22.21 11.56 9.44
N THR A 328 -21.47 11.60 10.54
CA THR A 328 -22.07 11.89 11.85
C THR A 328 -22.78 13.23 11.80
N VAL A 329 -22.13 14.21 11.17
CA VAL A 329 -22.64 15.58 11.15
C VAL A 329 -23.56 15.87 9.98
N HIS A 330 -23.23 15.35 8.80
CA HIS A 330 -23.96 15.72 7.59
C HIS A 330 -25.02 14.71 7.13
N GLY A 331 -25.03 13.54 7.75
CA GLY A 331 -25.96 12.47 7.40
C GLY A 331 -25.35 11.49 6.42
N ALA A 332 -26.10 10.44 6.08
CA ALA A 332 -25.60 9.35 5.24
C ALA A 332 -25.27 9.76 3.79
N ASP A 333 -25.87 10.85 3.33
CA ASP A 333 -25.64 11.33 1.96
C ASP A 333 -24.52 12.34 1.91
N ALA A 334 -23.68 12.35 2.94
CA ALA A 334 -22.55 13.30 3.03
C ALA A 334 -21.71 13.33 1.76
N ASP A 335 -21.64 12.22 1.04
CA ASP A 335 -20.86 12.18 -0.20
C ASP A 335 -21.58 12.74 -1.42
N ASP A 336 -22.85 13.15 -1.26
CA ASP A 336 -23.58 13.80 -2.35
C ASP A 336 -23.48 15.31 -2.21
N PHE A 337 -23.36 16.00 -3.34
CA PHE A 337 -23.49 17.45 -3.38
C PHE A 337 -24.99 17.79 -3.32
N ASP A 338 -25.40 18.53 -2.29
CA ASP A 338 -26.82 18.91 -2.15
C ASP A 338 -26.95 20.25 -1.44
N ILE A 339 -27.15 21.29 -2.23
CA ILE A 339 -27.18 22.66 -1.69
C ILE A 339 -28.36 22.95 -0.77
N THR A 340 -29.37 22.07 -0.77
CA THR A 340 -30.56 22.29 0.06
C THR A 340 -30.43 21.58 1.40
N ARG A 341 -29.38 20.79 1.60
CA ARG A 341 -29.18 20.11 2.89
C ARG A 341 -29.11 21.15 4.01
N ALA A 342 -29.56 20.75 5.20
CA ALA A 342 -29.65 21.65 6.32
C ALA A 342 -28.29 21.97 6.92
N THR A 343 -27.31 21.11 6.70
CA THR A 343 -25.97 21.32 7.26
C THR A 343 -24.98 21.95 6.25
N ALA A 344 -25.50 22.50 5.17
CA ALA A 344 -24.64 23.01 4.10
C ALA A 344 -23.63 24.01 4.67
N ALA A 345 -24.04 24.83 5.63
CA ALA A 345 -23.15 25.86 6.16
C ALA A 345 -22.55 25.54 7.52
N ARG A 346 -22.57 24.28 7.92
CA ARG A 346 -22.06 23.90 9.24
C ARG A 346 -20.66 23.33 9.16
N HIS A 347 -20.03 23.43 8.00
CA HIS A 347 -18.70 22.90 7.78
C HIS A 347 -17.65 23.75 8.49
N ILE A 348 -16.42 23.24 8.56
CA ILE A 348 -15.29 24.01 9.08
C ILE A 348 -14.12 24.01 8.07
N SER A 349 -14.46 24.16 6.80
CA SER A 349 -13.47 24.13 5.72
C SER A 349 -12.56 25.37 5.70
N PHE A 350 -12.91 26.41 6.46
CA PHE A 350 -12.03 27.59 6.62
C PHE A 350 -11.25 27.42 7.91
N GLY A 351 -11.43 26.27 8.57
CA GLY A 351 -10.83 26.02 9.87
C GLY A 351 -11.69 26.39 11.06
N HIS A 352 -11.06 26.41 12.22
CA HIS A 352 -11.73 26.73 13.49
C HIS A 352 -10.68 27.14 14.54
N GLY A 353 -11.09 27.92 15.54
CA GLY A 353 -10.18 28.38 16.57
C GLY A 353 -9.35 29.55 16.11
N PRO A 354 -8.27 29.88 16.85
CA PRO A 354 -7.49 31.08 16.56
C PRO A 354 -7.02 31.25 15.12
N HIS A 355 -6.64 30.16 14.44
CA HIS A 355 -6.09 30.26 13.08
C HIS A 355 -7.18 30.23 11.98
N ILE A 356 -8.43 30.43 12.36
CA ILE A 356 -9.51 30.38 11.41
C ILE A 356 -9.23 31.35 10.27
N CYS A 357 -9.46 30.91 9.03
CA CYS A 357 -9.23 31.76 7.88
C CYS A 357 -9.72 33.20 8.03
N PRO A 358 -8.80 34.17 7.95
CA PRO A 358 -9.19 35.57 8.02
C PRO A 358 -9.81 36.10 6.73
N GLY A 359 -9.61 35.41 5.61
CA GLY A 359 -10.07 35.88 4.30
C GLY A 359 -11.38 35.24 3.83
N ALA A 360 -12.08 34.60 4.75
CA ALA A 360 -13.27 33.85 4.42
C ALA A 360 -14.34 34.73 3.82
N ALA A 361 -14.53 35.92 4.36
CA ALA A 361 -15.53 36.84 3.79
C ALA A 361 -15.14 37.19 2.34
N LEU A 362 -13.83 37.35 2.11
CA LEU A 362 -13.36 37.74 0.79
C LEU A 362 -13.55 36.59 -0.19
N ALA A 363 -13.26 35.39 0.28
CA ALA A 363 -13.41 34.20 -0.56
C ALA A 363 -14.87 34.06 -0.94
N ARG A 364 -15.74 34.15 0.05
CA ARG A 364 -17.18 34.07 -0.17
C ARG A 364 -17.69 35.13 -1.14
N LEU A 365 -17.11 36.32 -1.06
CA LEU A 365 -17.56 37.44 -1.92
C LEU A 365 -17.06 37.26 -3.36
N GLU A 366 -15.81 36.85 -3.52
CA GLU A 366 -15.29 36.60 -4.86
C GLU A 366 -16.16 35.58 -5.57
N ALA A 367 -16.52 34.51 -4.89
CA ALA A 367 -17.36 33.48 -5.49
C ALA A 367 -18.79 33.96 -5.72
N ALA A 368 -19.34 34.72 -4.78
CA ALA A 368 -20.73 35.16 -4.87
C ALA A 368 -20.91 36.13 -6.04
N ILE A 369 -19.85 36.85 -6.36
CA ILE A 369 -19.84 37.71 -7.55
C ILE A 369 -19.53 36.94 -8.83
N ALA A 370 -18.53 36.06 -8.78
CA ALA A 370 -18.05 35.43 -10.01
C ALA A 370 -19.08 34.46 -10.59
N LEU A 371 -19.69 33.66 -9.73
CA LEU A 371 -20.45 32.52 -10.24
C LEU A 371 -21.69 32.96 -11.00
N PRO A 372 -22.55 33.78 -10.35
CA PRO A 372 -23.75 34.25 -11.05
C PRO A 372 -23.42 35.12 -12.27
N ALA A 373 -22.34 35.88 -12.19
CA ALA A 373 -21.97 36.70 -13.34
C ALA A 373 -21.62 35.77 -14.51
N LEU A 374 -20.91 34.70 -14.20
CA LEU A 374 -20.49 33.72 -15.20
C LEU A 374 -21.68 33.09 -15.91
N PHE A 375 -22.61 32.56 -15.12
CA PHE A 375 -23.75 31.81 -15.63
C PHE A 375 -24.78 32.70 -16.30
N THR A 376 -24.88 33.96 -15.88
CA THR A 376 -25.85 34.88 -16.47
C THR A 376 -25.32 35.31 -17.83
N ARG A 377 -24.02 35.57 -17.89
CA ARG A 377 -23.36 35.91 -19.13
C ARG A 377 -23.38 34.73 -20.11
N PHE A 378 -23.15 33.51 -19.62
CA PHE A 378 -23.08 32.33 -20.50
C PHE A 378 -24.04 31.22 -20.03
N PRO A 379 -25.35 31.46 -20.15
CA PRO A 379 -26.30 30.54 -19.56
C PRO A 379 -26.24 29.12 -20.14
N HIS A 380 -25.70 28.96 -21.34
CA HIS A 380 -25.63 27.65 -21.99
C HIS A 380 -24.22 27.07 -21.94
N LEU A 381 -23.40 27.66 -21.10
CA LEU A 381 -22.09 27.10 -20.72
C LEU A 381 -22.18 25.62 -20.34
N HIS A 382 -21.23 24.82 -20.82
CA HIS A 382 -21.26 23.39 -20.65
C HIS A 382 -19.90 22.79 -20.90
N PRO A 383 -19.62 21.61 -20.31
CA PRO A 383 -18.31 20.97 -20.39
C PRO A 383 -18.04 20.43 -21.77
N ALA A 384 -16.79 20.53 -22.24
CA ALA A 384 -16.42 19.96 -23.54
C ALA A 384 -15.66 18.67 -23.30
N LEU A 385 -15.62 18.29 -22.02
CA LEU A 385 -14.97 17.08 -21.55
C LEU A 385 -15.78 16.64 -20.34
N PRO A 386 -16.03 15.33 -20.21
CA PRO A 386 -16.73 14.84 -19.02
C PRO A 386 -16.15 15.37 -17.73
N LEU A 387 -17.00 15.92 -16.88
CA LEU A 387 -16.55 16.56 -15.65
C LEU A 387 -15.74 15.58 -14.78
N ASP A 388 -16.16 14.32 -14.75
CA ASP A 388 -15.47 13.31 -13.96
C ASP A 388 -14.06 13.01 -14.49
N GLN A 389 -13.73 13.50 -15.67
CA GLN A 389 -12.41 13.26 -16.24
C GLN A 389 -11.45 14.45 -16.03
N ILE A 390 -11.90 15.46 -15.32
CA ILE A 390 -11.03 16.58 -14.97
C ILE A 390 -10.10 16.11 -13.85
N PRO A 391 -8.79 16.02 -14.13
CA PRO A 391 -7.86 15.49 -13.14
C PRO A 391 -7.36 16.55 -12.17
N ASN A 392 -6.92 16.10 -11.00
CA ASN A 392 -6.22 17.00 -10.09
C ASN A 392 -4.76 17.10 -10.50
N LEU A 393 -4.19 18.29 -10.31
CA LEU A 393 -2.74 18.44 -10.39
C LEU A 393 -2.13 17.72 -9.20
N PRO A 394 -0.90 17.21 -9.38
CA PRO A 394 -0.21 16.53 -8.31
C PRO A 394 0.16 17.47 -7.17
N VAL A 395 -0.85 17.95 -6.46
CA VAL A 395 -0.66 18.89 -5.37
C VAL A 395 -1.36 18.28 -4.19
N LEU A 396 -0.56 17.78 -3.25
CA LEU A 396 -1.04 16.89 -2.21
C LEU A 396 -2.00 17.54 -1.22
N THR A 397 -1.81 18.81 -0.94
CA THR A 397 -2.50 19.46 0.16
C THR A 397 -3.69 20.29 -0.28
N GLN A 398 -3.78 20.54 -1.58
CA GLN A 398 -4.70 21.52 -2.14
C GLN A 398 -5.54 20.83 -3.22
N ASN A 399 -6.81 21.21 -3.29
CA ASN A 399 -7.71 20.68 -4.29
C ASN A 399 -7.62 21.45 -5.60
N ASP A 400 -6.56 21.15 -6.35
CA ASP A 400 -6.14 21.97 -7.46
C ASP A 400 -6.44 21.25 -8.77
N LEU A 401 -7.46 21.72 -9.48
CA LEU A 401 -7.86 21.13 -10.76
C LEU A 401 -6.92 21.58 -11.86
N SER A 402 -6.61 20.68 -12.79
CA SER A 402 -5.59 20.95 -13.82
C SER A 402 -6.11 21.91 -14.90
N HIS A 403 -7.32 21.67 -15.38
CA HIS A 403 -7.90 22.41 -16.49
C HIS A 403 -9.35 22.03 -16.58
N PHE A 404 -10.15 22.85 -17.23
CA PHE A 404 -11.60 22.75 -17.16
C PHE A 404 -12.19 23.16 -18.52
N PRO A 405 -12.11 22.25 -19.51
CA PRO A 405 -12.53 22.56 -20.85
C PRO A 405 -14.02 22.78 -20.99
N ILE A 406 -14.44 23.92 -21.52
CA ILE A 406 -15.86 24.19 -21.69
C ILE A 406 -16.16 24.78 -23.06
N HIS A 407 -17.45 24.87 -23.39
CA HIS A 407 -17.95 25.60 -24.55
C HIS A 407 -18.86 26.67 -23.96
N LEU A 408 -18.94 27.83 -24.60
CA LEU A 408 -19.77 28.90 -24.07
C LEU A 408 -21.25 28.57 -24.31
N GLY A 409 -21.51 27.83 -25.38
CA GLY A 409 -22.85 27.34 -25.69
C GLY A 409 -23.70 28.28 -26.51
N ARG A 410 -24.85 27.75 -26.92
CA ARG A 410 -25.88 28.49 -27.66
C ARG A 410 -25.92 29.95 -27.22
N CYS B 4 -3.55 0.77 -6.47
CA CYS B 4 -3.30 1.62 -5.26
C CYS B 4 -1.89 2.22 -5.30
N PRO B 5 -1.65 3.24 -4.45
CA PRO B 5 -0.47 4.07 -4.61
C PRO B 5 0.83 3.30 -4.82
N HIS B 6 1.75 3.92 -5.56
CA HIS B 6 3.08 3.39 -5.81
C HIS B 6 3.83 3.31 -4.49
N SER B 7 4.26 2.12 -4.13
CA SER B 7 5.17 1.95 -3.01
C SER B 7 6.44 1.32 -3.48
N ASP B 8 7.57 1.69 -2.88
CA ASP B 8 8.83 1.10 -3.27
C ASP B 8 9.22 -0.04 -2.31
N THR B 9 8.35 -0.34 -1.36
CA THR B 9 8.42 -1.61 -0.65
C THR B 9 7.14 -2.40 -0.91
N LEU B 10 7.30 -3.67 -1.27
CA LEU B 10 6.17 -4.50 -1.58
C LEU B 10 5.81 -5.36 -0.39
N THR B 11 4.66 -5.05 0.20
CA THR B 11 4.18 -5.76 1.36
C THR B 11 3.48 -7.07 0.99
N ILE B 12 3.97 -8.19 1.51
CA ILE B 12 3.35 -9.49 1.21
C ILE B 12 2.08 -9.62 2.06
N ASP B 13 0.93 -9.66 1.38
CA ASP B 13 -0.35 -9.74 2.06
C ASP B 13 -0.53 -11.13 2.64
N PRO B 14 -0.60 -11.21 3.98
CA PRO B 14 -0.73 -12.52 4.63
C PRO B 14 -2.10 -13.19 4.41
N MET B 15 -3.11 -12.45 3.97
CA MET B 15 -4.41 -13.08 3.72
C MET B 15 -4.47 -13.63 2.31
N ILE B 16 -3.38 -13.47 1.58
CA ILE B 16 -3.30 -13.96 0.22
C ILE B 16 -4.53 -13.52 -0.58
N THR B 17 -4.88 -12.24 -0.45
CA THR B 17 -6.00 -11.67 -1.18
C THR B 17 -5.73 -11.57 -2.68
N ASP B 18 -4.48 -11.32 -3.08
CA ASP B 18 -4.18 -11.13 -4.50
C ASP B 18 -2.85 -11.73 -4.88
N LEU B 19 -2.81 -13.06 -5.00
CA LEU B 19 -1.57 -13.74 -5.23
C LEU B 19 -1.04 -13.44 -6.61
N ALA B 20 -1.94 -13.51 -7.59
CA ALA B 20 -1.63 -13.20 -8.97
C ALA B 20 -1.03 -11.80 -9.09
N GLY B 21 -1.75 -10.79 -8.59
CA GLY B 21 -1.27 -9.41 -8.63
C GLY B 21 0.06 -9.24 -7.91
N GLU B 22 0.17 -9.83 -6.73
CA GLU B 22 1.40 -9.71 -5.97
C GLU B 22 2.58 -10.33 -6.74
N THR B 23 2.33 -11.49 -7.32
CA THR B 23 3.32 -12.20 -8.12
C THR B 23 3.72 -11.38 -9.34
N SER B 24 2.78 -10.70 -10.00
CA SER B 24 3.13 -9.87 -11.15
C SER B 24 3.92 -8.65 -10.69
N ARG B 25 3.44 -8.02 -9.61
CA ARG B 25 4.10 -6.86 -9.02
C ARG B 25 5.57 -7.19 -8.74
N LEU B 26 5.82 -8.40 -8.25
CA LEU B 26 7.17 -8.83 -7.88
C LEU B 26 8.08 -9.09 -9.09
N ARG B 27 7.53 -9.69 -10.14
CA ARG B 27 8.32 -9.93 -11.35
C ARG B 27 8.72 -8.57 -11.93
N ALA B 28 7.74 -7.69 -12.01
CA ALA B 28 7.94 -6.37 -12.60
C ALA B 28 8.87 -5.49 -11.77
N ALA B 29 8.92 -5.74 -10.45
CA ALA B 29 9.75 -4.92 -9.56
C ALA B 29 11.23 -5.34 -9.51
N GLY B 30 11.67 -6.17 -10.45
CA GLY B 30 13.11 -6.35 -10.67
C GLY B 30 13.45 -7.80 -10.92
N PRO B 31 14.74 -8.15 -10.81
CA PRO B 31 14.97 -9.52 -10.32
C PRO B 31 15.28 -9.47 -8.82
N LEU B 32 15.57 -8.27 -8.31
CA LEU B 32 15.84 -8.07 -6.89
C LEU B 32 15.07 -6.86 -6.38
N THR B 33 14.26 -7.05 -5.33
CA THR B 33 13.43 -5.97 -4.82
C THR B 33 13.17 -6.03 -3.32
N ARG B 34 12.72 -4.91 -2.76
CA ARG B 34 12.49 -4.80 -1.32
C ARG B 34 11.11 -5.27 -0.93
N ILE B 35 11.05 -6.21 0.01
CA ILE B 35 9.75 -6.66 0.51
C ILE B 35 9.62 -6.40 1.99
N ASP B 36 8.37 -6.42 2.46
CA ASP B 36 8.05 -6.31 3.86
C ASP B 36 7.28 -7.56 4.27
N LEU B 37 7.76 -8.26 5.31
CA LEU B 37 7.13 -9.48 5.84
C LEU B 37 6.58 -9.26 7.26
N LEU B 38 5.30 -8.92 7.36
CA LEU B 38 4.68 -8.54 8.63
C LEU B 38 5.53 -7.56 9.44
N GLY B 39 5.97 -6.47 8.82
CA GLY B 39 6.72 -5.40 9.50
C GLY B 39 8.22 -5.64 9.54
N VAL B 40 8.67 -6.67 8.83
CA VAL B 40 10.08 -7.01 8.77
C VAL B 40 10.58 -6.93 7.34
N PRO B 41 11.65 -6.15 7.12
CA PRO B 41 12.19 -5.94 5.79
C PRO B 41 13.14 -7.04 5.32
N ALA B 42 13.13 -7.27 4.01
CA ALA B 42 14.08 -8.19 3.39
C ALA B 42 14.10 -7.95 1.86
N LEU B 43 15.09 -8.54 1.21
CA LEU B 43 15.14 -8.52 -0.26
C LEU B 43 14.51 -9.79 -0.77
N ALA B 44 13.87 -9.70 -1.92
CA ALA B 44 13.31 -10.87 -2.55
C ALA B 44 13.93 -11.07 -3.93
N VAL B 45 14.41 -12.27 -4.20
CA VAL B 45 14.89 -12.58 -5.52
C VAL B 45 13.72 -13.08 -6.35
N THR B 46 13.40 -12.36 -7.43
CA THR B 46 12.25 -12.71 -8.27
C THR B 46 12.64 -13.11 -9.68
N GLY B 47 13.93 -13.10 -9.95
CA GLY B 47 14.42 -13.45 -11.27
C GLY B 47 15.08 -14.81 -11.27
N HIS B 48 14.93 -15.51 -12.40
CA HIS B 48 15.41 -16.89 -12.54
C HIS B 48 16.93 -17.03 -12.56
N THR B 49 17.57 -16.21 -13.38
CA THR B 49 19.02 -16.24 -13.52
C THR B 49 19.74 -15.78 -12.25
N LEU B 50 19.25 -14.69 -11.65
CA LEU B 50 19.85 -14.16 -10.43
C LEU B 50 19.67 -15.12 -9.26
N ALA B 51 18.50 -15.77 -9.18
CA ALA B 51 18.29 -16.79 -8.16
C ALA B 51 19.32 -17.91 -8.30
N ARG B 52 19.45 -18.47 -9.50
CA ARG B 52 20.43 -19.51 -9.77
C ARG B 52 21.82 -19.11 -9.29
N GLN B 53 22.21 -17.88 -9.56
CA GLN B 53 23.52 -17.39 -9.15
C GLN B 53 23.61 -17.27 -7.61
N LEU B 54 22.60 -16.69 -6.98
CA LEU B 54 22.63 -16.48 -5.53
C LEU B 54 22.41 -17.75 -4.71
N LEU B 55 21.76 -18.76 -5.30
CA LEU B 55 21.59 -20.05 -4.61
C LEU B 55 22.89 -20.85 -4.63
N THR B 56 23.91 -20.32 -5.30
CA THR B 56 25.23 -20.95 -5.29
C THR B 56 26.30 -20.01 -4.72
N ASP B 57 25.88 -18.83 -4.27
CA ASP B 57 26.81 -17.89 -3.67
C ASP B 57 27.07 -18.27 -2.21
N THR B 58 28.34 -18.41 -1.85
CA THR B 58 28.69 -18.88 -0.51
C THR B 58 28.63 -17.76 0.53
N ARG B 59 28.37 -16.55 0.08
CA ARG B 59 28.23 -15.42 1.01
C ARG B 59 26.80 -15.28 1.50
N LEU B 60 25.94 -16.23 1.11
CA LEU B 60 24.54 -16.26 1.51
C LEU B 60 24.30 -17.53 2.33
N VAL B 61 23.88 -17.37 3.58
CA VAL B 61 23.77 -18.50 4.49
C VAL B 61 22.44 -18.54 5.22
N LYS B 62 22.10 -19.75 5.70
CA LYS B 62 20.83 -20.02 6.35
C LYS B 62 20.89 -19.61 7.81
N ASP B 63 22.07 -19.73 8.39
CA ASP B 63 22.29 -19.44 9.80
C ASP B 63 21.69 -18.08 10.21
N ILE B 64 20.67 -18.14 11.06
CA ILE B 64 19.93 -16.95 11.46
C ILE B 64 20.81 -15.96 12.21
N ASN B 65 21.88 -16.45 12.83
CA ASN B 65 22.81 -15.57 13.53
C ASN B 65 23.54 -14.60 12.60
N ALA B 66 23.46 -14.82 11.28
CA ALA B 66 24.05 -13.89 10.32
C ALA B 66 23.09 -12.74 9.98
N TRP B 67 21.89 -12.79 10.54
CA TRP B 67 20.88 -11.77 10.30
C TRP B 67 21.07 -10.59 11.25
N SER B 68 21.42 -9.43 10.70
CA SER B 68 21.65 -8.26 11.55
C SER B 68 20.43 -7.98 12.41
N LEU B 69 19.24 -8.26 11.88
CA LEU B 69 18.01 -7.97 12.60
C LEU B 69 17.88 -8.92 13.79
N TRP B 70 18.47 -10.09 13.64
CA TRP B 70 18.48 -11.09 14.71
C TRP B 70 19.50 -10.68 15.75
N GLN B 71 20.64 -10.21 15.28
CA GLN B 71 21.75 -9.82 16.14
C GLN B 71 21.34 -8.64 17.00
N SER B 72 20.64 -7.68 16.40
CA SER B 72 20.18 -6.49 17.12
C SER B 72 19.01 -6.80 18.05
N GLY B 73 18.38 -7.95 17.85
CA GLY B 73 17.18 -8.30 18.62
C GLY B 73 15.96 -7.52 18.13
N THR B 74 15.99 -7.10 16.87
CA THR B 74 14.90 -6.36 16.29
C THR B 74 13.83 -7.37 15.91
N VAL B 75 14.28 -8.56 15.53
CA VAL B 75 13.39 -9.68 15.32
C VAL B 75 13.54 -10.64 16.48
N THR B 76 12.41 -11.18 16.94
CA THR B 76 12.38 -12.12 18.05
C THR B 76 11.44 -13.26 17.70
N ARG B 77 11.20 -14.16 18.65
CA ARG B 77 10.29 -15.30 18.43
C ARG B 77 8.84 -14.84 18.32
N GLN B 78 8.57 -13.57 18.60
CA GLN B 78 7.21 -13.03 18.45
C GLN B 78 6.78 -12.80 16.99
N TRP B 79 7.75 -12.67 16.11
CA TRP B 79 7.48 -12.57 14.69
C TRP B 79 6.73 -13.80 14.21
N PRO B 80 5.56 -13.61 13.60
CA PRO B 80 4.79 -14.79 13.26
C PRO B 80 5.45 -15.72 12.25
N LEU B 81 6.53 -15.26 11.60
CA LEU B 81 7.18 -16.07 10.59
C LEU B 81 8.43 -16.78 11.11
N ILE B 82 8.67 -16.67 12.41
CA ILE B 82 9.99 -17.04 12.91
C ILE B 82 10.28 -18.53 12.86
N GLY B 83 9.22 -19.32 12.94
CA GLY B 83 9.36 -20.78 12.95
C GLY B 83 9.72 -21.34 11.57
N MET B 84 9.77 -20.47 10.56
CA MET B 84 10.15 -20.90 9.21
C MET B 84 11.67 -20.89 9.08
N ILE B 85 12.35 -20.26 10.05
CA ILE B 85 13.81 -20.21 10.03
C ILE B 85 14.57 -20.54 11.30
N ASP B 86 14.07 -20.08 12.46
CA ASP B 86 14.75 -20.34 13.71
C ASP B 86 14.39 -21.73 14.19
N VAL B 87 15.05 -22.71 13.58
CA VAL B 87 14.80 -24.12 13.83
C VAL B 87 16.14 -24.75 14.12
N ASP B 88 16.13 -26.01 14.56
CA ASP B 88 17.34 -26.66 15.00
C ASP B 88 18.28 -27.09 13.87
N ARG B 89 19.51 -27.39 14.25
CA ARG B 89 20.56 -27.71 13.29
C ARG B 89 20.12 -28.88 12.43
N SER B 90 20.15 -28.68 11.11
CA SER B 90 19.78 -29.71 10.14
C SER B 90 20.35 -29.33 8.78
N MET B 91 20.15 -30.18 7.77
CA MET B 91 20.54 -29.82 6.39
C MET B 91 19.95 -28.45 5.98
N PHE B 92 18.93 -28.03 6.71
CA PHE B 92 18.21 -26.81 6.37
C PHE B 92 18.93 -25.55 6.83
N THR B 93 19.62 -25.65 7.95
CA THR B 93 20.20 -24.45 8.59
C THR B 93 21.72 -24.37 8.47
N VAL B 94 22.32 -25.31 7.75
CA VAL B 94 23.77 -25.43 7.64
C VAL B 94 24.25 -25.08 6.23
N ASP B 95 25.49 -24.60 6.17
CA ASP B 95 26.16 -24.35 4.90
C ASP B 95 27.62 -24.78 4.97
N GLY B 96 28.15 -25.16 3.82
CA GLY B 96 29.55 -25.50 3.68
C GLY B 96 29.80 -26.99 3.71
N PRO B 97 31.04 -27.37 4.05
CA PRO B 97 31.51 -28.76 4.13
C PRO B 97 30.68 -29.60 5.09
N GLU B 98 30.16 -28.98 6.14
CA GLU B 98 29.33 -29.69 7.13
C GLU B 98 27.95 -30.04 6.55
N HIS B 99 27.54 -29.28 5.56
CA HIS B 99 26.23 -29.46 4.96
C HIS B 99 26.07 -30.86 4.33
N ARG B 100 27.07 -31.33 3.60
CA ARG B 100 27.00 -32.63 2.90
C ARG B 100 26.75 -33.77 3.88
N ARG B 101 27.49 -33.75 4.98
CA ARG B 101 27.36 -34.76 6.01
C ARG B 101 25.89 -34.87 6.37
N LEU B 102 25.21 -33.73 6.47
CA LEU B 102 23.84 -33.72 6.96
C LEU B 102 22.82 -34.15 5.92
N ARG B 103 23.25 -34.26 4.68
CA ARG B 103 22.37 -34.57 3.56
C ARG B 103 22.54 -35.99 3.02
N ILE B 104 23.71 -36.58 3.22
CA ILE B 104 24.09 -37.73 2.41
C ILE B 104 23.16 -38.94 2.56
N LYS B 105 22.85 -39.34 3.79
CA LYS B 105 21.98 -40.50 3.97
C LYS B 105 20.58 -40.26 3.41
N THR B 106 20.17 -39.00 3.31
CA THR B 106 18.83 -38.67 2.80
C THR B 106 18.81 -38.72 1.29
N THR B 107 19.82 -38.12 0.67
CA THR B 107 19.92 -38.14 -0.79
C THR B 107 20.06 -39.57 -1.31
N GLN B 108 20.86 -40.37 -0.61
CA GLN B 108 20.99 -41.77 -0.97
C GLN B 108 19.69 -42.54 -0.79
N ALA B 109 18.94 -42.22 0.26
CA ALA B 109 17.67 -42.93 0.52
C ALA B 109 16.59 -42.57 -0.48
N LEU B 110 16.70 -41.39 -1.08
CA LEU B 110 15.65 -40.81 -1.94
C LEU B 110 16.03 -40.70 -3.43
N THR B 111 16.97 -41.53 -3.87
CA THR B 111 17.21 -41.67 -5.30
C THR B 111 16.04 -42.41 -5.91
N ARG B 112 15.92 -42.32 -7.22
CA ARG B 112 14.81 -42.94 -7.96
C ARG B 112 14.69 -44.45 -7.73
N ARG B 113 15.80 -45.19 -7.77
CA ARG B 113 15.75 -46.64 -7.62
C ARG B 113 15.57 -47.08 -6.18
N ARG B 114 16.13 -46.32 -5.24
CA ARG B 114 15.84 -46.59 -3.84
C ARG B 114 14.34 -46.41 -3.59
N LEU B 115 13.73 -45.46 -4.29
CA LEU B 115 12.30 -45.23 -4.16
C LEU B 115 11.46 -46.35 -4.82
N ASP B 116 12.05 -47.10 -5.73
CA ASP B 116 11.30 -48.21 -6.32
C ASP B 116 10.64 -49.06 -5.24
N ALA B 117 11.33 -49.26 -4.14
CA ALA B 117 10.84 -50.12 -3.08
C ALA B 117 9.71 -49.46 -2.27
N LEU B 118 9.58 -48.14 -2.36
CA LEU B 118 8.50 -47.47 -1.69
C LEU B 118 7.27 -47.41 -2.59
N LYS B 119 7.46 -47.70 -3.87
CA LYS B 119 6.39 -47.59 -4.86
C LYS B 119 5.12 -48.36 -4.46
N PRO B 120 5.23 -49.67 -4.20
CA PRO B 120 4.03 -50.43 -3.84
C PRO B 120 3.23 -49.78 -2.72
N THR B 121 3.94 -49.18 -1.76
CA THR B 121 3.28 -48.54 -0.61
C THR B 121 2.48 -47.35 -1.07
N ILE B 122 3.09 -46.56 -1.94
CA ILE B 122 2.42 -45.37 -2.45
C ILE B 122 1.15 -45.82 -3.15
N GLU B 123 1.29 -46.84 -3.97
CA GLU B 123 0.17 -47.37 -4.72
C GLU B 123 -0.98 -47.78 -3.82
N ARG B 124 -0.66 -48.44 -2.71
CA ARG B 124 -1.71 -48.89 -1.80
C ARG B 124 -2.47 -47.72 -1.16
N TYR B 125 -1.76 -46.63 -0.90
CA TYR B 125 -2.37 -45.49 -0.21
C TYR B 125 -3.24 -44.68 -1.15
N VAL B 126 -2.78 -44.58 -2.39
CA VAL B 126 -3.55 -43.91 -3.41
C VAL B 126 -4.86 -44.64 -3.62
N ALA B 127 -4.79 -45.98 -3.65
CA ALA B 127 -5.96 -46.78 -3.91
C ALA B 127 -6.92 -46.67 -2.73
N GLU B 128 -6.38 -46.64 -1.52
CA GLU B 128 -7.21 -46.58 -0.32
C GLU B 128 -8.01 -45.29 -0.28
N LEU B 129 -7.36 -44.20 -0.68
CA LEU B 129 -7.98 -42.91 -0.61
C LEU B 129 -8.95 -42.67 -1.77
N LEU B 130 -8.67 -43.29 -2.92
CA LEU B 130 -9.61 -43.24 -4.04
C LEU B 130 -10.87 -43.99 -3.62
N ASP B 131 -10.70 -45.10 -2.91
CA ASP B 131 -11.85 -45.81 -2.32
C ASP B 131 -12.67 -44.84 -1.42
N ASP B 132 -11.98 -44.02 -0.64
CA ASP B 132 -12.62 -43.08 0.28
C ASP B 132 -13.38 -42.02 -0.54
N LEU B 133 -12.73 -41.54 -1.59
CA LEU B 133 -13.38 -40.65 -2.55
C LEU B 133 -14.67 -41.30 -3.11
N GLU B 134 -14.57 -42.52 -3.59
CA GLU B 134 -15.73 -43.21 -4.13
C GLU B 134 -16.89 -43.22 -3.14
N ARG B 135 -16.57 -43.60 -1.90
CA ARG B 135 -17.54 -43.67 -0.82
C ARG B 135 -18.11 -42.27 -0.54
N ALA B 136 -17.25 -41.27 -0.54
CA ALA B 136 -17.64 -39.91 -0.16
C ALA B 136 -18.49 -39.26 -1.26
N GLY B 137 -18.15 -39.53 -2.52
CA GLY B 137 -18.86 -38.95 -3.66
C GLY B 137 -20.08 -39.72 -4.14
N ALA B 138 -20.53 -40.68 -3.34
CA ALA B 138 -21.71 -41.48 -3.65
C ALA B 138 -22.98 -40.63 -3.74
N ASP B 139 -23.98 -41.16 -4.46
CA ASP B 139 -25.24 -40.45 -4.72
C ASP B 139 -24.99 -39.03 -5.22
N GLY B 140 -23.90 -38.80 -5.96
CA GLY B 140 -23.58 -37.47 -6.53
C GLY B 140 -23.25 -36.34 -5.55
N ALA B 141 -22.80 -36.66 -4.35
CA ALA B 141 -22.54 -35.63 -3.35
C ALA B 141 -21.27 -34.87 -3.69
N VAL B 142 -21.22 -33.61 -3.27
CA VAL B 142 -20.01 -32.80 -3.39
C VAL B 142 -18.99 -33.25 -2.33
N VAL B 143 -17.73 -33.40 -2.75
CA VAL B 143 -16.67 -34.00 -1.96
C VAL B 143 -15.46 -33.05 -1.97
N ASP B 144 -14.83 -32.88 -0.82
CA ASP B 144 -13.63 -32.08 -0.78
C ASP B 144 -12.44 -32.94 -1.15
N LEU B 145 -11.93 -32.79 -2.37
CA LEU B 145 -10.78 -33.59 -2.84
C LEU B 145 -9.54 -33.47 -1.95
N LYS B 146 -9.33 -32.32 -1.32
CA LYS B 146 -8.18 -32.13 -0.44
C LYS B 146 -8.27 -33.04 0.78
N SER B 147 -9.27 -32.82 1.62
CA SER B 147 -9.36 -33.55 2.88
C SER B 147 -9.47 -35.06 2.68
N VAL B 148 -10.13 -35.50 1.60
CA VAL B 148 -10.33 -36.93 1.40
C VAL B 148 -9.13 -37.59 0.74
N PHE B 149 -8.38 -36.83 -0.07
CA PHE B 149 -7.37 -37.43 -0.93
C PHE B 149 -6.01 -36.75 -0.84
N ALA B 150 -5.91 -35.50 -1.28
CA ALA B 150 -4.62 -34.87 -1.46
C ALA B 150 -3.93 -34.56 -0.14
N TYR B 151 -4.71 -34.23 0.89
CA TYR B 151 -4.17 -33.89 2.22
C TYR B 151 -3.59 -35.13 2.92
N PRO B 152 -4.35 -36.22 2.96
CA PRO B 152 -3.75 -37.31 3.71
C PRO B 152 -2.66 -38.09 2.98
N LEU B 153 -2.71 -38.16 1.64
CA LEU B 153 -1.80 -39.07 0.93
C LEU B 153 -0.32 -38.85 1.27
N PRO B 154 0.18 -37.60 1.20
CA PRO B 154 1.63 -37.38 1.40
C PRO B 154 2.09 -37.62 2.84
N MET B 155 1.19 -37.39 3.79
CA MET B 155 1.50 -37.68 5.17
C MET B 155 1.69 -39.19 5.31
N ARG B 156 0.75 -39.99 4.82
CA ARG B 156 0.91 -41.45 4.86
C ARG B 156 2.28 -41.81 4.29
N VAL B 157 2.63 -41.21 3.16
CA VAL B 157 3.81 -41.61 2.47
C VAL B 157 5.05 -41.27 3.27
N ILE B 158 5.15 -40.03 3.69
CA ILE B 158 6.37 -39.59 4.36
C ILE B 158 6.47 -40.34 5.71
N SER B 159 5.32 -40.55 6.36
CA SER B 159 5.26 -41.33 7.61
C SER B 159 5.81 -42.74 7.41
N ALA B 160 5.41 -43.40 6.32
CA ALA B 160 5.95 -44.72 6.04
C ALA B 160 7.46 -44.67 5.86
N LEU B 161 7.95 -43.68 5.12
CA LEU B 161 9.36 -43.54 4.89
C LEU B 161 10.15 -43.30 6.20
N MET B 162 9.65 -42.39 7.03
CA MET B 162 10.41 -41.96 8.20
C MET B 162 10.12 -42.82 9.43
N GLY B 163 8.99 -43.52 9.41
CA GLY B 163 8.59 -44.40 10.51
C GLY B 163 7.64 -43.77 11.54
N VAL B 164 6.81 -42.83 11.10
CA VAL B 164 5.82 -42.25 12.00
C VAL B 164 4.61 -43.20 12.12
N PRO B 165 4.28 -43.62 13.35
CA PRO B 165 3.20 -44.57 13.48
C PRO B 165 1.88 -44.04 12.90
N SER B 166 1.11 -44.94 12.33
CA SER B 166 -0.19 -44.62 11.77
C SER B 166 -1.04 -43.77 12.70
N GLU B 167 -1.06 -44.11 13.99
CA GLU B 167 -2.01 -43.50 14.90
C GLU B 167 -1.63 -42.06 15.29
N ASP B 168 -0.38 -41.66 15.03
CA ASP B 168 0.09 -40.31 15.39
C ASP B 168 -0.03 -39.34 14.23
N GLN B 169 -0.41 -39.81 13.04
CA GLN B 169 -0.35 -38.95 11.87
C GLN B 169 -1.40 -37.86 11.94
N GLU B 170 -2.53 -38.13 12.56
CA GLU B 170 -3.57 -37.12 12.64
C GLU B 170 -3.11 -35.90 13.44
N GLN B 171 -2.43 -36.16 14.55
CA GLN B 171 -2.00 -35.09 15.44
C GLN B 171 -0.95 -34.22 14.75
N LEU B 172 -0.08 -34.85 13.96
CA LEU B 172 0.91 -34.10 13.20
C LEU B 172 0.25 -33.11 12.24
N LEU B 173 -0.77 -33.58 11.53
CA LEU B 173 -1.54 -32.71 10.63
C LEU B 173 -2.17 -31.58 11.41
N THR B 174 -2.72 -31.87 12.58
CA THR B 174 -3.31 -30.82 13.39
C THR B 174 -2.24 -29.78 13.75
N TRP B 175 -1.04 -30.23 14.13
CA TRP B 175 0.05 -29.32 14.45
C TRP B 175 0.52 -28.52 13.22
N TYR B 176 0.71 -29.20 12.10
CA TYR B 176 1.11 -28.47 10.91
C TYR B 176 0.10 -27.38 10.51
N LYS B 177 -1.19 -27.68 10.56
CA LYS B 177 -2.18 -26.68 10.18
C LYS B 177 -2.03 -25.42 11.04
N ALA B 178 -1.84 -25.63 12.33
CA ALA B 178 -1.67 -24.53 13.26
C ALA B 178 -0.38 -23.76 12.95
N PHE B 179 0.67 -24.52 12.65
CA PHE B 179 2.00 -23.97 12.41
C PHE B 179 2.04 -23.03 11.20
N PHE B 180 1.34 -23.41 10.14
CA PHE B 180 1.41 -22.68 8.87
C PHE B 180 0.46 -21.51 8.80
N SER B 181 -0.67 -21.60 9.49
CA SER B 181 -1.64 -20.53 9.41
C SER B 181 -1.19 -19.26 10.10
N ILE B 182 -1.31 -18.15 9.39
CA ILE B 182 -0.95 -16.87 9.95
C ILE B 182 -1.94 -16.56 11.07
N LEU B 183 -3.14 -17.13 10.98
CA LEU B 183 -4.16 -16.84 11.98
C LEU B 183 -3.88 -17.39 13.38
N THR B 184 -3.06 -18.44 13.48
CA THR B 184 -2.73 -19.00 14.78
C THR B 184 -2.10 -17.92 15.66
N PRO B 185 -2.63 -17.71 16.87
CA PRO B 185 -1.99 -16.82 17.84
C PRO B 185 -0.53 -17.21 18.07
N GLN B 186 0.37 -16.23 18.14
CA GLN B 186 1.80 -16.53 18.19
C GLN B 186 2.18 -17.37 19.39
N ASP B 187 1.65 -17.07 20.56
CA ASP B 187 1.97 -17.87 21.72
C ASP B 187 1.56 -19.33 21.50
N GLU B 188 0.39 -19.54 20.93
CA GLU B 188 -0.03 -20.88 20.61
C GLU B 188 0.86 -21.52 19.53
N ARG B 189 1.33 -20.73 18.59
CA ARG B 189 2.15 -21.29 17.54
C ARG B 189 3.47 -21.79 18.11
N LEU B 190 4.01 -21.04 19.06
CA LEU B 190 5.27 -21.41 19.67
C LEU B 190 5.11 -22.67 20.51
N ARG B 191 3.99 -22.76 21.21
CA ARG B 191 3.65 -23.96 21.97
C ARG B 191 3.55 -25.20 21.04
N VAL B 192 2.86 -25.05 19.91
CA VAL B 192 2.81 -26.09 18.87
C VAL B 192 4.22 -26.48 18.37
N ILE B 193 5.08 -25.49 18.18
CA ILE B 193 6.46 -25.74 17.77
C ILE B 193 7.24 -26.55 18.82
N ASP B 194 7.01 -26.27 20.10
CA ASP B 194 7.64 -27.01 21.19
C ASP B 194 7.09 -28.44 21.24
N GLU B 195 5.79 -28.56 20.99
CA GLU B 195 5.12 -29.84 21.05
C GLU B 195 5.57 -30.75 19.91
N MET B 196 5.73 -30.18 18.73
CA MET B 196 6.26 -30.93 17.60
C MET B 196 7.69 -31.37 17.89
N HIS B 197 8.45 -30.50 18.52
CA HIS B 197 9.82 -30.84 18.86
C HIS B 197 9.87 -31.98 19.86
N GLY B 198 8.99 -31.93 20.86
CA GLY B 198 8.87 -32.99 21.83
C GLY B 198 8.51 -34.31 21.18
N TYR B 199 7.51 -34.29 20.31
CA TYR B 199 7.09 -35.49 19.63
C TYR B 199 8.27 -36.13 18.89
N PHE B 200 8.96 -35.34 18.09
CA PHE B 200 10.01 -35.89 17.22
C PHE B 200 11.23 -36.28 18.01
N THR B 201 11.39 -35.69 19.19
CA THR B 201 12.50 -36.07 20.05
C THR B 201 12.26 -37.49 20.55
N GLU B 202 11.02 -37.74 20.93
CA GLU B 202 10.67 -39.04 21.47
C GLU B 202 10.69 -40.12 20.36
N MET B 203 10.36 -39.70 19.15
CA MET B 203 10.36 -40.63 18.03
C MET B 203 11.79 -41.12 17.78
N VAL B 204 12.76 -40.21 17.89
CA VAL B 204 14.16 -40.56 17.73
C VAL B 204 14.62 -41.48 18.84
N ARG B 205 14.17 -41.22 20.06
CA ARG B 205 14.51 -42.09 21.16
C ARG B 205 13.95 -43.46 20.94
N ARG B 206 12.70 -43.51 20.49
CA ARG B 206 12.03 -44.78 20.25
C ARG B 206 12.78 -45.59 19.18
N LYS B 207 13.20 -44.93 18.11
CA LYS B 207 13.90 -45.59 17.01
C LYS B 207 15.30 -45.99 17.41
N THR B 208 15.86 -45.26 18.37
CA THR B 208 17.16 -45.60 18.90
C THR B 208 17.07 -46.91 19.69
N ALA B 209 16.04 -47.06 20.52
CA ALA B 209 15.88 -48.31 21.25
C ALA B 209 15.55 -49.44 20.28
N GLU B 210 14.78 -49.15 19.24
CA GLU B 210 14.20 -50.16 18.39
C GLU B 210 14.20 -49.73 16.92
N PRO B 211 15.36 -49.78 16.28
CA PRO B 211 15.48 -49.32 14.91
C PRO B 211 14.69 -50.22 13.96
N GLY B 212 14.14 -49.62 12.90
CA GLY B 212 13.43 -50.37 11.85
C GLY B 212 13.98 -50.09 10.46
N ASP B 213 13.24 -50.50 9.43
CA ASP B 213 13.66 -50.27 8.04
C ASP B 213 13.05 -48.95 7.59
N ASP B 214 13.54 -47.87 8.16
CA ASP B 214 13.00 -46.55 7.87
C ASP B 214 14.14 -45.56 7.85
N LEU B 215 13.90 -44.42 7.22
CA LEU B 215 14.95 -43.46 7.03
C LEU B 215 15.43 -42.91 8.38
N THR B 216 14.51 -42.74 9.33
CA THR B 216 14.88 -42.20 10.63
C THR B 216 15.92 -43.09 11.28
N SER B 217 15.69 -44.39 11.22
CA SER B 217 16.64 -45.34 11.80
C SER B 217 17.98 -45.28 11.08
N ALA B 218 17.95 -44.99 9.78
CA ALA B 218 19.18 -44.82 9.02
C ALA B 218 19.92 -43.53 9.40
N LEU B 219 19.20 -42.47 9.74
CA LEU B 219 19.85 -41.25 10.22
C LEU B 219 20.52 -41.50 11.56
N ILE B 220 19.91 -42.37 12.35
CA ILE B 220 20.39 -42.66 13.69
C ILE B 220 21.67 -43.46 13.65
N TYR B 221 21.61 -44.61 13.02
CA TYR B 221 22.71 -45.51 13.02
C TYR B 221 23.23 -45.46 11.64
N ALA B 222 24.36 -44.83 11.46
CA ALA B 222 24.91 -44.64 10.13
C ALA B 222 25.93 -45.67 9.68
N THR B 223 26.20 -45.66 8.39
CA THR B 223 27.09 -46.58 7.69
C THR B 223 27.98 -47.47 8.52
N ASP B 224 29.21 -47.04 8.70
CA ASP B 224 30.17 -47.87 9.37
C ASP B 224 31.02 -47.03 10.25
N GLY B 225 31.69 -46.07 9.66
CA GLY B 225 32.52 -45.15 10.39
C GLY B 225 32.49 -43.79 9.78
N GLU B 226 31.50 -43.02 10.12
CA GLU B 226 31.30 -41.79 9.45
C GLU B 226 31.38 -40.65 10.41
N THR B 227 31.19 -40.93 11.69
CA THR B 227 30.90 -39.91 12.68
C THR B 227 29.40 -39.63 12.77
N PRO B 228 28.83 -40.08 13.96
CA PRO B 228 27.38 -40.05 13.97
C PRO B 228 26.76 -38.67 13.96
N LEU B 229 25.56 -38.56 13.43
CA LEU B 229 24.78 -37.35 13.62
C LEU B 229 24.52 -37.15 15.12
N THR B 230 24.39 -35.90 15.54
CA THR B 230 24.00 -35.62 16.92
C THR B 230 22.50 -35.79 17.03
N GLU B 231 22.00 -35.87 18.26
CA GLU B 231 20.55 -35.96 18.47
C GLU B 231 19.84 -34.80 17.79
N GLU B 232 20.37 -33.59 17.96
CA GLU B 232 19.76 -32.40 17.38
C GLU B 232 19.65 -32.48 15.86
N GLU B 233 20.72 -32.96 15.21
CA GLU B 233 20.76 -33.17 13.77
C GLU B 233 19.74 -34.20 13.28
N VAL B 234 19.72 -35.36 13.90
CA VAL B 234 18.73 -36.37 13.53
C VAL B 234 17.32 -35.76 13.60
N ILE B 235 17.02 -35.13 14.74
CA ILE B 235 15.72 -34.51 14.96
C ILE B 235 15.44 -33.41 13.96
N GLY B 236 16.42 -32.56 13.68
CA GLY B 236 16.25 -31.51 12.70
C GLY B 236 15.93 -32.02 11.31
N ASN B 237 16.71 -32.99 10.84
CA ASN B 237 16.44 -33.60 9.55
C ASN B 237 15.05 -34.23 9.55
N LEU B 238 14.76 -35.02 10.59
CA LEU B 238 13.43 -35.63 10.70
C LEU B 238 12.33 -34.59 10.52
N GLN B 239 12.41 -33.49 11.25
CA GLN B 239 11.38 -32.46 11.17
C GLN B 239 11.25 -31.86 9.78
N ALA B 240 12.40 -31.48 9.22
CA ALA B 240 12.46 -30.93 7.87
C ALA B 240 11.81 -31.87 6.86
N LEU B 241 12.20 -33.14 6.91
CA LEU B 241 11.66 -34.11 5.97
C LEU B 241 10.15 -34.27 6.08
N VAL B 242 9.62 -34.37 7.30
CA VAL B 242 8.17 -34.57 7.46
C VAL B 242 7.38 -33.31 7.07
N ALA B 243 7.78 -32.18 7.63
CA ALA B 243 7.13 -30.93 7.32
C ALA B 243 7.08 -30.67 5.81
N ALA B 244 8.26 -30.70 5.16
CA ALA B 244 8.38 -30.45 3.73
C ALA B 244 7.67 -31.52 2.93
N GLY B 245 7.91 -32.76 3.30
CA GLY B 245 7.38 -33.92 2.58
C GLY B 245 5.88 -33.94 2.51
N HIS B 246 5.24 -33.44 3.56
CA HIS B 246 3.81 -33.40 3.59
C HIS B 246 3.26 -32.14 2.91
N GLU B 247 3.60 -30.97 3.45
CA GLU B 247 2.97 -29.71 3.05
C GLU B 247 3.07 -29.40 1.55
N THR B 248 4.25 -29.56 0.97
CA THR B 248 4.48 -29.25 -0.44
C THR B 248 3.71 -30.18 -1.37
N THR B 249 3.74 -31.47 -1.06
CA THR B 249 3.16 -32.48 -1.95
C THR B 249 1.64 -32.36 -2.03
N VAL B 250 1.00 -31.98 -0.91
CA VAL B 250 -0.44 -31.72 -0.91
C VAL B 250 -0.77 -30.67 -1.96
N SER B 251 -0.01 -29.58 -1.97
CA SER B 251 -0.23 -28.49 -2.92
C SER B 251 -0.04 -28.94 -4.36
N LEU B 252 1.05 -29.65 -4.64
CA LEU B 252 1.34 -30.09 -6.03
C LEU B 252 0.20 -30.90 -6.59
N ILE B 253 -0.33 -31.81 -5.78
CA ILE B 253 -1.46 -32.63 -6.20
C ILE B 253 -2.69 -31.77 -6.54
N LEU B 254 -3.04 -30.85 -5.63
CA LEU B 254 -4.24 -30.02 -5.79
C LEU B 254 -4.13 -29.09 -6.98
N THR B 255 -2.98 -28.44 -7.15
CA THR B 255 -2.78 -27.52 -8.29
C THR B 255 -2.68 -28.24 -9.63
N ALA B 256 -2.09 -29.43 -9.66
CA ALA B 256 -2.08 -30.20 -10.89
C ALA B 256 -3.54 -30.49 -11.32
N VAL B 257 -4.31 -31.01 -10.38
CA VAL B 257 -5.72 -31.29 -10.67
C VAL B 257 -6.46 -30.01 -11.09
N ARG B 258 -6.30 -28.91 -10.33
CA ARG B 258 -6.96 -27.66 -10.71
C ARG B 258 -6.53 -27.25 -12.11
N ALA B 259 -5.22 -27.29 -12.37
CA ALA B 259 -4.70 -26.86 -13.68
C ALA B 259 -5.29 -27.70 -14.82
N LEU B 260 -5.29 -29.00 -14.63
CA LEU B 260 -5.76 -29.89 -15.66
C LEU B 260 -7.26 -29.77 -15.90
N LEU B 261 -8.04 -29.60 -14.82
CA LEU B 261 -9.49 -29.45 -14.96
C LEU B 261 -9.85 -28.11 -15.58
N SER B 262 -9.05 -27.09 -15.31
CA SER B 262 -9.32 -25.81 -15.96
C SER B 262 -8.79 -25.73 -17.39
N HIS B 263 -7.97 -26.70 -17.80
CA HIS B 263 -7.43 -26.74 -19.17
C HIS B 263 -7.67 -28.12 -19.75
N PRO B 264 -8.96 -28.48 -19.95
CA PRO B 264 -9.35 -29.83 -20.34
C PRO B 264 -8.57 -30.43 -21.52
N GLU B 265 -8.28 -29.62 -22.53
CA GLU B 265 -7.53 -30.09 -23.71
C GLU B 265 -6.17 -30.66 -23.28
N GLN B 266 -5.59 -30.02 -22.27
CA GLN B 266 -4.31 -30.50 -21.76
C GLN B 266 -4.54 -31.78 -20.96
N LEU B 267 -5.60 -31.84 -20.16
CA LEU B 267 -5.94 -33.09 -19.49
C LEU B 267 -6.05 -34.24 -20.50
N ARG B 268 -6.71 -33.99 -21.62
CA ARG B 268 -6.79 -34.99 -22.68
C ARG B 268 -5.41 -35.41 -23.21
N LEU B 269 -4.53 -34.43 -23.46
CA LEU B 269 -3.20 -34.72 -23.96
C LEU B 269 -2.49 -35.82 -23.17
N VAL B 270 -2.62 -35.77 -21.85
CA VAL B 270 -1.97 -36.75 -21.00
C VAL B 270 -2.78 -38.02 -20.84
N ARG B 271 -4.10 -37.90 -20.88
CA ARG B 271 -4.96 -39.07 -20.78
C ARG B 271 -4.65 -39.97 -21.98
N ASP B 272 -4.47 -39.35 -23.14
CA ASP B 272 -4.28 -40.09 -24.38
C ASP B 272 -2.82 -40.35 -24.72
N GLY B 273 -1.93 -40.10 -23.74
CA GLY B 273 -0.53 -40.49 -23.88
C GLY B 273 0.30 -39.71 -24.89
N GLU B 274 -0.17 -38.52 -25.26
CA GLU B 274 0.56 -37.66 -26.18
C GLU B 274 1.56 -36.78 -25.44
N ILE B 275 1.24 -36.50 -24.18
CA ILE B 275 2.19 -35.84 -23.26
C ILE B 275 2.21 -36.62 -21.96
N GLY B 276 3.38 -36.69 -21.33
CA GLY B 276 3.56 -37.48 -20.11
C GLY B 276 3.00 -36.77 -18.90
N TRP B 277 2.35 -37.53 -18.05
CA TRP B 277 1.84 -36.98 -16.81
C TRP B 277 2.98 -36.27 -16.08
N GLU B 278 4.19 -36.78 -16.23
CA GLU B 278 5.38 -36.16 -15.61
C GLU B 278 5.61 -34.74 -16.11
N THR B 279 5.36 -34.51 -17.39
CA THR B 279 5.58 -33.20 -17.97
C THR B 279 4.50 -32.24 -17.48
N ALA B 280 3.28 -32.75 -17.34
CA ALA B 280 2.20 -31.95 -16.78
C ALA B 280 2.56 -31.53 -15.36
N ILE B 281 3.22 -32.42 -14.64
CA ILE B 281 3.67 -32.16 -13.29
C ILE B 281 4.75 -31.07 -13.24
N GLU B 282 5.72 -31.09 -14.15
CA GLU B 282 6.78 -30.07 -14.17
C GLU B 282 6.21 -28.69 -14.45
N GLU B 283 5.31 -28.61 -15.42
CA GLU B 283 4.69 -27.35 -15.77
C GLU B 283 3.87 -26.82 -14.58
N THR B 284 3.24 -27.72 -13.83
CA THR B 284 2.51 -27.33 -12.64
C THR B 284 3.46 -26.74 -11.62
N LEU B 285 4.66 -27.30 -11.53
CA LEU B 285 5.62 -26.80 -10.56
C LEU B 285 6.10 -25.41 -10.97
N ARG B 286 6.29 -25.22 -12.27
CA ARG B 286 6.73 -23.94 -12.83
C ARG B 286 5.65 -22.86 -12.61
N TRP B 287 4.41 -23.24 -12.84
CA TRP B 287 3.32 -22.26 -12.95
C TRP B 287 2.66 -21.99 -11.60
N ASP B 288 2.34 -23.04 -10.87
CA ASP B 288 1.44 -22.91 -9.70
C ASP B 288 1.98 -23.84 -8.62
N GLY B 289 3.25 -23.65 -8.28
CA GLY B 289 3.98 -24.57 -7.43
C GLY B 289 3.75 -24.46 -5.94
N PRO B 290 4.34 -25.39 -5.18
CA PRO B 290 4.07 -25.47 -3.76
C PRO B 290 4.65 -24.33 -2.92
N VAL B 291 5.73 -23.73 -3.37
CA VAL B 291 6.41 -22.72 -2.58
C VAL B 291 6.17 -21.36 -3.16
N ILE B 292 5.76 -20.42 -2.32
CA ILE B 292 5.60 -19.08 -2.78
C ILE B 292 6.85 -18.28 -2.49
N HIS B 293 7.25 -18.24 -1.22
CA HIS B 293 8.50 -17.59 -0.80
C HIS B 293 9.31 -18.56 0.07
N LEU B 294 10.62 -18.54 -0.09
CA LEU B 294 11.48 -19.40 0.71
C LEU B 294 12.31 -18.54 1.65
N LEU B 295 11.91 -18.55 2.93
CA LEU B 295 12.62 -17.88 4.01
C LEU B 295 13.97 -18.52 4.38
N MET B 296 14.69 -17.74 5.15
CA MET B 296 15.71 -16.84 4.66
C MET B 296 17.18 -17.18 4.51
N ARG B 297 17.85 -16.40 3.65
CA ARG B 297 19.31 -16.41 3.54
C ARG B 297 19.93 -15.09 3.98
N PHE B 298 21.17 -15.16 4.45
CA PHE B 298 21.81 -13.95 4.96
C PHE B 298 23.22 -13.73 4.41
N ALA B 299 23.53 -12.46 4.13
CA ALA B 299 24.81 -12.03 3.60
C ALA B 299 25.90 -11.93 4.68
N THR B 300 26.96 -12.72 4.50
CA THR B 300 28.11 -12.71 5.42
C THR B 300 28.97 -11.46 5.21
N GLU B 301 28.86 -10.86 4.02
CA GLU B 301 29.55 -9.62 3.68
C GLU B 301 28.77 -8.94 2.55
N ASP B 302 29.20 -7.76 2.14
CA ASP B 302 28.53 -7.04 1.06
C ASP B 302 28.63 -7.85 -0.22
N ILE B 303 27.52 -7.99 -0.94
CA ILE B 303 27.54 -8.73 -2.20
C ILE B 303 27.22 -7.80 -3.36
N ASP B 304 28.26 -7.42 -4.09
CA ASP B 304 28.11 -6.55 -5.25
C ASP B 304 27.59 -7.31 -6.48
N LEU B 305 26.43 -6.89 -7.00
CA LEU B 305 25.85 -7.52 -8.18
C LEU B 305 25.94 -6.62 -9.42
N GLY B 306 26.80 -5.61 -9.38
CA GLY B 306 26.97 -4.76 -10.52
C GLY B 306 26.32 -3.41 -10.29
N ASP B 307 25.01 -3.36 -10.50
CA ASP B 307 24.26 -2.12 -10.29
C ASP B 307 23.41 -2.20 -9.01
N ALA B 308 23.82 -3.07 -8.09
CA ALA B 308 23.07 -3.30 -6.85
C ALA B 308 23.93 -4.06 -5.86
N VAL B 309 23.68 -3.84 -4.58
CA VAL B 309 24.52 -4.41 -3.53
C VAL B 309 23.67 -4.95 -2.39
N ILE B 310 23.87 -6.24 -2.05
CA ILE B 310 23.23 -6.82 -0.89
C ILE B 310 24.17 -6.59 0.28
N PRO B 311 23.75 -5.73 1.22
CA PRO B 311 24.60 -5.33 2.32
C PRO B 311 24.78 -6.49 3.28
N ARG B 312 25.96 -6.63 3.86
CA ARG B 312 26.17 -7.62 4.91
C ARG B 312 25.03 -7.56 5.94
N GLY B 313 24.47 -8.72 6.29
CA GLY B 313 23.45 -8.81 7.33
C GLY B 313 22.01 -8.79 6.84
N GLU B 314 21.81 -8.45 5.57
CA GLU B 314 20.46 -8.36 4.99
C GLU B 314 19.86 -9.73 4.75
N GLY B 315 18.55 -9.82 4.91
CA GLY B 315 17.81 -11.03 4.63
C GLY B 315 17.36 -11.11 3.18
N VAL B 316 17.63 -12.27 2.56
CA VAL B 316 17.28 -12.53 1.17
C VAL B 316 16.31 -13.70 1.07
N VAL B 317 15.18 -13.42 0.42
CA VAL B 317 14.10 -14.38 0.21
C VAL B 317 14.12 -14.84 -1.25
N MET B 318 13.82 -16.12 -1.47
CA MET B 318 13.66 -16.64 -2.82
C MET B 318 12.18 -16.73 -3.13
N SER B 319 11.72 -15.91 -4.08
CA SER B 319 10.31 -15.81 -4.40
C SER B 319 10.07 -16.69 -5.60
N TYR B 320 10.02 -17.99 -5.31
CA TYR B 320 10.00 -19.04 -6.29
C TYR B 320 8.81 -18.99 -7.23
N ARG B 321 7.66 -18.56 -6.75
CA ARG B 321 6.48 -18.51 -7.60
C ARG B 321 6.74 -17.45 -8.64
N ALA B 322 7.13 -16.27 -8.18
CA ALA B 322 7.46 -15.23 -9.13
C ALA B 322 8.53 -15.76 -10.11
N ILE B 323 9.53 -16.47 -9.61
CA ILE B 323 10.58 -16.97 -10.48
C ILE B 323 10.05 -17.89 -11.58
N GLY B 324 9.09 -18.77 -11.25
CA GLY B 324 8.49 -19.65 -12.29
C GLY B 324 7.76 -18.92 -13.41
N ARG B 325 7.38 -17.68 -13.11
CA ARG B 325 6.71 -16.79 -14.09
C ARG B 325 7.71 -15.91 -14.83
N ASP B 326 8.99 -16.25 -14.78
CA ASP B 326 10.02 -15.43 -15.44
C ASP B 326 9.83 -15.44 -16.97
N ILE B 327 9.53 -14.28 -17.51
CA ILE B 327 9.23 -14.16 -18.94
C ILE B 327 10.50 -14.26 -19.80
N THR B 328 11.62 -13.79 -19.27
CA THR B 328 12.92 -13.93 -19.95
C THR B 328 13.17 -15.39 -20.30
N VAL B 329 12.84 -16.28 -19.37
CA VAL B 329 13.16 -17.68 -19.55
C VAL B 329 12.04 -18.42 -20.29
N HIS B 330 10.80 -18.18 -19.88
CA HIS B 330 9.68 -19.02 -20.33
C HIS B 330 8.86 -18.43 -21.47
N GLY B 331 9.15 -17.18 -21.84
CA GLY B 331 8.45 -16.49 -22.93
C GLY B 331 7.28 -15.66 -22.43
N ALA B 332 6.65 -14.94 -23.34
CA ALA B 332 5.59 -13.98 -23.00
C ALA B 332 4.34 -14.62 -22.38
N ASP B 333 4.12 -15.91 -22.64
CA ASP B 333 2.95 -16.62 -22.11
C ASP B 333 3.27 -17.30 -20.78
N ALA B 334 4.31 -16.81 -20.11
CA ALA B 334 4.73 -17.36 -18.84
C ALA B 334 3.56 -17.52 -17.86
N ASP B 335 2.58 -16.63 -17.93
CA ASP B 335 1.41 -16.70 -17.02
C ASP B 335 0.34 -17.74 -17.44
N ASP B 336 0.51 -18.38 -18.58
CA ASP B 336 -0.43 -19.43 -19.00
C ASP B 336 0.09 -20.80 -18.55
N PHE B 337 -0.84 -21.69 -18.24
CA PHE B 337 -0.49 -23.08 -17.97
C PHE B 337 -0.41 -23.79 -19.33
N ASP B 338 0.77 -24.28 -19.70
CA ASP B 338 0.96 -24.97 -21.00
C ASP B 338 1.98 -26.11 -20.90
N ILE B 339 1.47 -27.32 -20.78
CA ILE B 339 2.30 -28.50 -20.59
C ILE B 339 3.11 -28.88 -21.82
N THR B 340 2.79 -28.31 -22.98
CA THR B 340 3.56 -28.54 -24.19
C THR B 340 4.69 -27.54 -24.38
N ARG B 341 4.73 -26.48 -23.57
CA ARG B 341 5.80 -25.49 -23.72
C ARG B 341 7.16 -26.16 -23.56
N ALA B 342 8.17 -25.65 -24.28
CA ALA B 342 9.50 -26.21 -24.27
C ALA B 342 10.24 -26.06 -22.95
N THR B 343 9.91 -25.05 -22.15
CA THR B 343 10.63 -24.80 -20.90
C THR B 343 9.88 -25.32 -19.66
N ALA B 344 8.94 -26.23 -19.88
CA ALA B 344 8.12 -26.78 -18.80
C ALA B 344 8.98 -27.38 -17.69
N ALA B 345 10.10 -28.00 -18.04
CA ALA B 345 10.97 -28.64 -17.06
C ALA B 345 12.26 -27.84 -16.76
N ARG B 346 12.29 -26.55 -17.10
CA ARG B 346 13.48 -25.76 -16.87
C ARG B 346 13.34 -24.87 -15.65
N HIS B 347 12.35 -25.14 -14.82
CA HIS B 347 12.08 -24.36 -13.60
C HIS B 347 13.05 -24.75 -12.48
N ILE B 348 13.12 -23.92 -11.44
CA ILE B 348 13.89 -24.25 -10.23
C ILE B 348 13.00 -24.20 -8.98
N SER B 349 11.78 -24.69 -9.12
CA SER B 349 10.82 -24.67 -8.04
C SER B 349 11.18 -25.61 -6.87
N PHE B 350 12.14 -26.51 -7.08
CA PHE B 350 12.68 -27.36 -6.01
C PHE B 350 13.94 -26.74 -5.45
N GLY B 351 14.29 -25.56 -5.97
CA GLY B 351 15.52 -24.88 -5.59
C GLY B 351 16.69 -25.12 -6.51
N HIS B 352 17.88 -24.73 -6.04
CA HIS B 352 19.11 -24.88 -6.81
C HIS B 352 20.31 -24.76 -5.88
N GLY B 353 21.41 -25.43 -6.22
CA GLY B 353 22.60 -25.38 -5.39
C GLY B 353 22.58 -26.39 -4.26
N PRO B 354 23.41 -26.19 -3.23
CA PRO B 354 23.53 -27.18 -2.17
C PRO B 354 22.22 -27.57 -1.48
N HIS B 355 21.30 -26.63 -1.31
CA HIS B 355 20.07 -26.92 -0.57
C HIS B 355 18.93 -27.43 -1.45
N ILE B 356 19.22 -27.77 -2.69
CA ILE B 356 18.21 -28.23 -3.61
C ILE B 356 17.38 -29.34 -2.93
N CYS B 357 16.07 -29.29 -3.09
CA CYS B 357 15.19 -30.32 -2.51
C CYS B 357 15.69 -31.75 -2.72
N PRO B 358 15.89 -32.48 -1.60
CA PRO B 358 16.33 -33.86 -1.68
C PRO B 358 15.18 -34.81 -1.95
N GLY B 359 13.95 -34.35 -1.72
CA GLY B 359 12.75 -35.17 -1.92
C GLY B 359 12.04 -34.98 -3.26
N ALA B 360 12.71 -34.37 -4.23
CA ALA B 360 12.08 -34.06 -5.50
C ALA B 360 11.62 -35.32 -6.22
N ALA B 361 12.45 -36.35 -6.23
CA ALA B 361 12.08 -37.60 -6.90
C ALA B 361 10.83 -38.23 -6.25
N LEU B 362 10.73 -38.06 -4.93
CA LEU B 362 9.62 -38.62 -4.20
C LEU B 362 8.37 -37.82 -4.51
N ALA B 363 8.52 -36.50 -4.50
CA ALA B 363 7.42 -35.61 -4.84
C ALA B 363 6.88 -35.94 -6.23
N ARG B 364 7.80 -36.05 -7.19
CA ARG B 364 7.45 -36.36 -8.58
C ARG B 364 6.74 -37.70 -8.67
N LEU B 365 7.24 -38.67 -7.94
CA LEU B 365 6.66 -40.01 -7.97
C LEU B 365 5.27 -40.06 -7.30
N GLU B 366 5.08 -39.32 -6.22
CA GLU B 366 3.76 -39.31 -5.59
C GLU B 366 2.73 -38.78 -6.55
N ALA B 367 3.07 -37.69 -7.22
CA ALA B 367 2.17 -37.08 -8.18
C ALA B 367 1.95 -37.99 -9.40
N ALA B 368 3.05 -38.54 -9.93
CA ALA B 368 2.98 -39.32 -11.17
C ALA B 368 2.06 -40.52 -10.95
N ILE B 369 2.10 -41.10 -9.76
CA ILE B 369 1.16 -42.14 -9.38
C ILE B 369 -0.25 -41.64 -9.07
N ALA B 370 -0.38 -40.56 -8.31
CA ALA B 370 -1.69 -40.17 -7.82
C ALA B 370 -2.58 -39.63 -8.92
N LEU B 371 -2.03 -38.82 -9.81
CA LEU B 371 -2.87 -38.11 -10.77
C LEU B 371 -3.58 -39.05 -11.77
N PRO B 372 -2.81 -39.88 -12.50
CA PRO B 372 -3.46 -40.79 -13.46
C PRO B 372 -4.37 -41.79 -12.77
N ALA B 373 -3.99 -42.23 -11.59
CA ALA B 373 -4.85 -43.13 -10.86
C ALA B 373 -6.17 -42.44 -10.60
N LEU B 374 -6.10 -41.15 -10.26
CA LEU B 374 -7.27 -40.34 -9.93
C LEU B 374 -8.22 -40.19 -11.10
N PHE B 375 -7.66 -39.80 -12.24
CA PHE B 375 -8.47 -39.50 -13.42
C PHE B 375 -8.95 -40.77 -14.14
N THR B 376 -8.25 -41.89 -13.92
CA THR B 376 -8.64 -43.14 -14.58
C THR B 376 -9.80 -43.71 -13.79
N ARG B 377 -9.71 -43.61 -12.47
CA ARG B 377 -10.75 -44.06 -11.59
C ARG B 377 -12.02 -43.20 -11.78
N PHE B 378 -11.85 -41.89 -11.89
CA PHE B 378 -12.99 -40.98 -11.98
C PHE B 378 -12.86 -40.08 -13.22
N PRO B 379 -13.03 -40.67 -14.40
CA PRO B 379 -12.78 -39.92 -15.61
C PRO B 379 -13.72 -38.76 -15.83
N HIS B 380 -14.84 -38.72 -15.11
CA HIS B 380 -15.83 -37.63 -15.28
C HIS B 380 -15.82 -36.67 -14.10
N LEU B 381 -14.80 -36.81 -13.26
CA LEU B 381 -14.47 -35.87 -12.19
C LEU B 381 -14.56 -34.44 -12.71
N HIS B 382 -15.18 -33.57 -11.90
CA HIS B 382 -15.35 -32.18 -12.26
C HIS B 382 -15.61 -31.34 -11.02
N PRO B 383 -15.39 -30.02 -11.13
CA PRO B 383 -15.52 -29.10 -9.99
C PRO B 383 -16.97 -28.78 -9.69
N ALA B 384 -17.31 -28.69 -8.41
CA ALA B 384 -18.66 -28.37 -7.96
C ALA B 384 -18.68 -26.91 -7.53
N LEU B 385 -17.53 -26.27 -7.73
CA LEU B 385 -17.35 -24.87 -7.46
C LEU B 385 -16.40 -24.39 -8.56
N PRO B 386 -16.65 -23.19 -9.10
CA PRO B 386 -15.69 -22.61 -10.04
C PRO B 386 -14.30 -22.68 -9.47
N LEU B 387 -13.36 -23.19 -10.26
CA LEU B 387 -12.00 -23.40 -9.82
C LEU B 387 -11.35 -22.10 -9.34
N ASP B 388 -11.60 -21.01 -10.08
CA ASP B 388 -11.06 -19.69 -9.75
C ASP B 388 -11.58 -19.16 -8.41
N GLN B 389 -12.56 -19.84 -7.81
CA GLN B 389 -13.08 -19.40 -6.50
C GLN B 389 -12.52 -20.23 -5.34
N ILE B 390 -11.59 -21.13 -5.65
CA ILE B 390 -10.88 -21.86 -4.61
C ILE B 390 -9.86 -20.89 -3.96
N PRO B 391 -10.04 -20.58 -2.67
CA PRO B 391 -9.17 -19.60 -2.04
C PRO B 391 -7.91 -20.24 -1.47
N ASN B 392 -6.86 -19.46 -1.32
CA ASN B 392 -5.70 -19.93 -0.57
C ASN B 392 -5.98 -19.76 0.91
N LEU B 393 -5.44 -20.65 1.72
CA LEU B 393 -5.42 -20.44 3.17
C LEU B 393 -4.43 -19.31 3.43
N PRO B 394 -4.62 -18.58 4.54
CA PRO B 394 -3.69 -17.52 4.91
C PRO B 394 -2.33 -18.09 5.34
N VAL B 395 -1.58 -18.58 4.36
CA VAL B 395 -0.28 -19.17 4.63
C VAL B 395 0.67 -18.50 3.69
N LEU B 396 1.48 -17.60 4.23
CA LEU B 396 2.21 -16.64 3.42
C LEU B 396 3.24 -17.28 2.47
N THR B 397 3.85 -18.38 2.89
CA THR B 397 5.05 -18.89 2.20
C THR B 397 4.73 -20.08 1.30
N GLN B 398 3.55 -20.64 1.50
CA GLN B 398 3.18 -21.90 0.87
C GLN B 398 1.89 -21.71 0.10
N ASN B 399 1.83 -22.36 -1.05
CA ASN B 399 0.66 -22.33 -1.92
C ASN B 399 -0.37 -23.34 -1.42
N ASP B 400 -1.06 -22.96 -0.36
CA ASP B 400 -1.91 -23.89 0.38
C ASP B 400 -3.36 -23.59 0.06
N LEU B 401 -4.00 -24.50 -0.70
CA LEU B 401 -5.41 -24.36 -1.07
C LEU B 401 -6.32 -24.78 0.09
N SER B 402 -7.41 -24.07 0.31
CA SER B 402 -8.25 -24.33 1.46
C SER B 402 -9.08 -25.62 1.30
N HIS B 403 -9.70 -25.78 0.13
CA HIS B 403 -10.62 -26.89 -0.12
C HIS B 403 -10.94 -26.94 -1.62
N PHE B 404 -11.37 -28.09 -2.10
CA PHE B 404 -11.44 -28.31 -3.54
C PHE B 404 -12.73 -29.10 -3.80
N PRO B 405 -13.87 -28.41 -3.88
CA PRO B 405 -15.13 -29.15 -4.01
C PRO B 405 -15.29 -29.82 -5.37
N ILE B 406 -15.57 -31.12 -5.38
CA ILE B 406 -15.76 -31.82 -6.64
C ILE B 406 -16.94 -32.77 -6.64
N HIS B 407 -17.32 -33.19 -7.85
CA HIS B 407 -18.25 -34.30 -8.03
C HIS B 407 -17.48 -35.39 -8.75
N LEU B 408 -17.75 -36.65 -8.39
CA LEU B 408 -17.07 -37.76 -9.05
C LEU B 408 -17.48 -37.88 -10.54
N GLY B 409 -18.72 -37.50 -10.82
CA GLY B 409 -19.24 -37.46 -12.18
C GLY B 409 -19.95 -38.72 -12.67
N ARG B 410 -20.54 -38.60 -13.85
CA ARG B 410 -21.14 -39.71 -14.57
#